data_7PUR
#
_entry.id   7PUR
#
_cell.length_a   40.263
_cell.length_b   158.334
_cell.length_c   68.552
_cell.angle_alpha   90.000
_cell.angle_beta   100.214
_cell.angle_gamma   90.000
#
_symmetry.space_group_name_H-M   'P 1 21 1'
#
loop_
_entity.id
_entity.type
_entity.pdbx_description
1 polymer 'Interleukin-12 subunit beta'
2 branched alpha-D-mannopyranose-(1-3)-alpha-D-mannopyranose-(1-6)-[alpha-D-mannopyranose-(1-3)]beta-D-mannopyranose-(1-4)-2-acetamido-2-deoxy-beta-D-glucopyranose-(1-4)-2-acetamido-2-deoxy-beta-D-glucopyranose
3 branched alpha-D-mannopyranose-(1-3)-[alpha-D-mannopyranose-(1-6)]alpha-D-mannopyranose-(1-6)-[alpha-D-mannopyranose-(1-3)]beta-D-mannopyranose-(1-4)-2-acetamido-2-deoxy-beta-D-glucopyranose-(1-4)-2-acetamido-2-deoxy-beta-D-glucopyranose
#
_entity_poly.entity_id   1
_entity_poly.type   'polypeptide(L)'
_entity_poly.pdbx_seq_one_letter_code
;MCPQKLTISWFAIVLLVSPLMAMWELEKDVYVVEVDWTPDAPGETVNLTCDTPEEDDITWTSDQRHGVIGSGKTLTITVK
EFLDAGQYTCHKGGETLSHSHLLLHKKENGIWSTEILKNFKNKTFLKCEAPNYSGRFTCSWLVQRNMDLKFNIKSSSSSP
DSRAVTCGMASLSAEKVTLDQRDYEKYSVSCQEDVTCPTAEETLPIELALEARQQNKYENYSTSFFIRDIIKPDPPKNLQ
MKPLKNSQVEVSWEYPDSWSTPHSYFSLKFFVRIQRKKEKMKETEEGCNQKGAFLVEKTSTEVQCKGGNVCVQAQDRYYN
SSCSKWACVPCRVRSGTKHHHHHH
;
_entity_poly.pdbx_strand_id   A,B
#
loop_
_chem_comp.id
_chem_comp.type
_chem_comp.name
_chem_comp.formula
BMA D-saccharide, beta linking beta-D-mannopyranose 'C6 H12 O6'
MAN D-saccharide, alpha linking alpha-D-mannopyranose 'C6 H12 O6'
NAG D-saccharide, beta linking 2-acetamido-2-deoxy-beta-D-glucopyranose 'C8 H15 N O6'
#
# COMPACT_ATOMS: atom_id res chain seq x y z
N MET A 23 36.80 -12.98 13.36
CA MET A 23 36.90 -11.59 12.93
C MET A 23 35.90 -11.34 11.80
N TRP A 24 35.38 -10.10 11.72
CA TRP A 24 34.43 -9.75 10.69
C TRP A 24 34.49 -8.25 10.44
N GLU A 25 34.16 -7.87 9.19
CA GLU A 25 34.31 -6.51 8.70
C GLU A 25 33.09 -5.64 8.99
N LEU A 26 33.31 -4.50 9.64
CA LEU A 26 32.27 -3.51 9.92
C LEU A 26 32.12 -2.55 8.74
N GLU A 27 33.23 -2.06 8.21
CA GLU A 27 33.25 -1.24 7.01
C GLU A 27 34.62 -1.40 6.38
N LYS A 28 34.86 -0.65 5.30
CA LYS A 28 36.12 -0.78 4.58
C LYS A 28 37.32 -0.58 5.50
N ASP A 29 38.11 -1.66 5.64
CA ASP A 29 39.35 -1.60 6.40
C ASP A 29 39.11 -1.31 7.89
N VAL A 30 37.96 -1.73 8.39
CA VAL A 30 37.63 -1.64 9.82
C VAL A 30 37.05 -2.99 10.20
N TYR A 31 37.73 -3.69 11.11
CA TYR A 31 37.40 -5.05 11.48
C TYR A 31 37.09 -5.17 12.97
N VAL A 32 36.21 -6.10 13.30
CA VAL A 32 35.80 -6.35 14.68
C VAL A 32 36.32 -7.72 15.11
N VAL A 33 36.93 -7.77 16.29
CA VAL A 33 37.53 -8.97 16.83
C VAL A 33 36.81 -9.37 18.12
N GLU A 34 36.18 -10.53 18.10
CA GLU A 34 35.52 -11.04 19.29
C GLU A 34 36.57 -11.65 20.21
N VAL A 35 36.52 -11.31 21.49
CA VAL A 35 37.57 -11.69 22.44
C VAL A 35 36.92 -12.14 23.74
N ASP A 36 37.37 -13.29 24.25
CA ASP A 36 36.98 -13.76 25.57
C ASP A 36 37.79 -13.08 26.66
N TRP A 37 37.11 -12.41 27.59
CA TRP A 37 37.76 -11.59 28.61
C TRP A 37 37.96 -12.32 29.93
N THR A 38 38.12 -13.64 29.91
CA THR A 38 38.47 -14.33 31.14
C THR A 38 39.96 -14.21 31.41
N PRO A 39 40.38 -14.38 32.67
CA PRO A 39 41.80 -14.15 32.99
C PRO A 39 42.74 -15.00 32.15
N ASP A 40 42.50 -16.31 32.09
CA ASP A 40 43.37 -17.22 31.37
C ASP A 40 42.68 -17.70 30.10
N ALA A 41 42.37 -16.76 29.20
CA ALA A 41 41.71 -17.06 27.94
C ALA A 41 42.72 -17.10 26.81
N PRO A 42 42.57 -18.01 25.84
CA PRO A 42 43.49 -18.00 24.68
C PRO A 42 43.04 -16.98 23.66
N GLY A 43 43.91 -16.03 23.35
CA GLY A 43 43.54 -14.98 22.41
C GLY A 43 43.30 -15.51 21.01
N GLU A 44 42.57 -14.73 20.22
CA GLU A 44 42.30 -15.08 18.84
C GLU A 44 43.47 -14.69 17.96
N THR A 45 43.96 -15.64 17.15
CA THR A 45 45.00 -15.35 16.18
C THR A 45 44.35 -14.88 14.89
N VAL A 46 44.74 -13.70 14.42
CA VAL A 46 44.14 -13.08 13.24
C VAL A 46 45.22 -12.68 12.24
N ASN A 47 45.01 -13.04 10.98
CA ASN A 47 45.92 -12.67 9.90
C ASN A 47 45.42 -11.40 9.23
N LEU A 48 46.31 -10.42 9.07
CA LEU A 48 45.99 -9.16 8.41
C LEU A 48 46.94 -8.99 7.23
N THR A 49 46.43 -9.09 6.01
CA THR A 49 47.28 -8.93 4.85
C THR A 49 47.16 -7.50 4.32
N CYS A 50 48.22 -7.03 3.66
CA CYS A 50 48.25 -5.68 3.14
C CYS A 50 47.60 -5.70 1.76
N ASP A 51 46.93 -4.61 1.42
CA ASP A 51 46.26 -4.46 0.13
C ASP A 51 47.18 -3.69 -0.82
N THR A 52 48.20 -4.38 -1.31
CA THR A 52 49.21 -3.75 -2.16
C THR A 52 49.89 -4.83 -3.00
N PRO A 53 50.38 -4.49 -4.19
CA PRO A 53 51.09 -5.48 -5.01
C PRO A 53 52.52 -5.80 -4.61
N GLU A 54 53.21 -4.94 -3.86
CA GLU A 54 54.59 -5.23 -3.53
C GLU A 54 54.65 -6.36 -2.50
N GLU A 55 55.82 -7.00 -2.40
CA GLU A 55 56.01 -8.06 -1.42
C GLU A 55 57.28 -7.99 -0.59
N ASP A 56 58.21 -7.08 -0.88
CA ASP A 56 59.44 -6.98 -0.12
C ASP A 56 59.45 -5.75 0.77
N ASP A 57 60.33 -5.76 1.77
CA ASP A 57 60.55 -4.59 2.63
C ASP A 57 59.27 -4.09 3.28
N ILE A 58 58.31 -4.97 3.55
CA ILE A 58 57.02 -4.54 4.11
C ILE A 58 57.13 -4.50 5.64
N THR A 59 56.65 -3.41 6.22
CA THR A 59 56.73 -3.13 7.64
C THR A 59 55.37 -2.71 8.19
N TRP A 60 55.11 -3.07 9.45
CA TRP A 60 53.87 -2.77 10.13
C TRP A 60 54.13 -1.93 11.36
N THR A 61 53.17 -1.08 11.70
CA THR A 61 53.20 -0.29 12.93
C THR A 61 51.81 -0.26 13.55
N SER A 62 51.76 0.21 14.80
CA SER A 62 50.49 0.39 15.50
C SER A 62 50.42 1.79 16.08
N ASP A 63 49.18 2.30 16.18
CA ASP A 63 48.91 3.58 16.81
C ASP A 63 48.82 3.46 18.32
N GLN A 64 49.12 2.28 18.86
CA GLN A 64 49.17 2.06 20.29
C GLN A 64 50.59 1.77 20.77
N ARG A 65 51.36 1.03 20.00
CA ARG A 65 52.70 0.63 20.39
C ARG A 65 53.67 1.48 19.59
N HIS A 66 54.81 1.74 20.20
CA HIS A 66 55.82 2.58 19.57
C HIS A 66 56.74 1.73 18.69
N GLY A 67 57.01 2.23 17.49
CA GLY A 67 57.96 1.58 16.60
C GLY A 67 57.37 0.42 15.82
N VAL A 68 58.26 -0.32 15.17
CA VAL A 68 57.84 -1.44 14.33
C VAL A 68 57.45 -2.63 15.20
N ILE A 69 56.24 -3.14 14.96
CA ILE A 69 55.74 -4.30 15.67
C ILE A 69 55.58 -5.52 14.78
N GLY A 70 55.95 -5.43 13.50
CA GLY A 70 55.85 -6.58 12.61
C GLY A 70 56.42 -6.25 11.25
N SER A 71 56.43 -7.26 10.39
CA SER A 71 56.95 -7.11 9.03
C SER A 71 56.30 -8.18 8.17
N GLY A 72 56.47 -8.04 6.87
CA GLY A 72 55.87 -8.97 5.93
C GLY A 72 54.51 -8.51 5.47
N LYS A 73 54.15 -8.93 4.25
CA LYS A 73 52.86 -8.54 3.69
C LYS A 73 51.71 -8.94 4.61
N THR A 74 51.81 -10.10 5.26
CA THR A 74 50.79 -10.57 6.19
C THR A 74 51.36 -10.60 7.61
N LEU A 75 50.69 -9.91 8.52
CA LEU A 75 51.05 -9.88 9.94
C LEU A 75 50.15 -10.80 10.76
N THR A 76 50.75 -11.71 11.53
CA THR A 76 50.01 -12.65 12.36
C THR A 76 50.24 -12.26 13.82
N ILE A 77 49.15 -11.97 14.55
CA ILE A 77 49.23 -11.52 15.93
C ILE A 77 48.15 -12.17 16.78
N THR A 78 48.40 -12.20 18.09
CA THR A 78 47.46 -12.70 19.10
C THR A 78 46.87 -11.49 19.82
N VAL A 79 45.58 -11.26 19.60
CA VAL A 79 44.87 -10.08 20.10
C VAL A 79 44.02 -10.44 21.32
N LYS A 80 44.44 -10.00 22.51
CA LYS A 80 43.66 -10.20 23.72
C LYS A 80 43.31 -8.88 24.41
N GLU A 81 44.29 -8.01 24.67
CA GLU A 81 44.04 -6.73 25.30
C GLU A 81 43.81 -5.63 24.25
N PHE A 82 43.43 -4.45 24.75
CA PHE A 82 43.14 -3.29 23.91
C PHE A 82 44.39 -2.65 23.31
N LEU A 83 45.57 -2.91 23.88
CA LEU A 83 46.78 -2.42 23.24
C LEU A 83 47.00 -3.09 21.89
N ASP A 84 46.48 -4.29 21.71
CA ASP A 84 46.51 -4.99 20.43
C ASP A 84 45.53 -4.43 19.41
N ALA A 85 44.74 -3.41 19.76
CA ALA A 85 43.78 -2.82 18.85
C ALA A 85 44.35 -1.55 18.22
N GLY A 86 43.50 -0.82 17.52
CA GLY A 86 43.87 0.45 16.93
C GLY A 86 44.14 0.35 15.43
N GLN A 87 44.84 1.37 14.92
CA GLN A 87 45.14 1.48 13.50
C GLN A 87 46.49 0.84 13.21
N TYR A 88 46.48 -0.19 12.37
CA TYR A 88 47.70 -0.86 11.91
C TYR A 88 48.06 -0.36 10.52
N THR A 89 49.26 0.20 10.37
CA THR A 89 49.69 0.82 9.13
C THR A 89 50.76 -0.02 8.46
N CYS A 90 50.69 -0.13 7.13
CA CYS A 90 51.77 -0.72 6.33
C CYS A 90 52.77 0.36 5.94
N HIS A 91 54.01 -0.05 5.69
CA HIS A 91 55.03 0.85 5.15
C HIS A 91 55.98 0.07 4.25
N LYS A 92 56.53 0.76 3.25
CA LYS A 92 57.62 0.23 2.45
C LYS A 92 58.44 1.40 1.91
N GLY A 93 59.75 1.36 2.17
CA GLY A 93 60.62 2.42 1.66
C GLY A 93 60.16 3.81 1.99
N GLY A 94 59.70 4.02 3.22
CA GLY A 94 59.32 5.34 3.67
C GLY A 94 57.97 5.83 3.21
N GLU A 95 57.32 5.13 2.28
CA GLU A 95 55.99 5.54 1.84
C GLU A 95 54.96 4.66 2.53
N THR A 96 53.85 5.27 2.93
CA THR A 96 52.74 4.54 3.52
C THR A 96 51.89 3.84 2.48
N LEU A 97 51.32 2.71 2.89
CA LEU A 97 50.54 1.84 2.00
C LEU A 97 49.13 1.84 2.60
N SER A 98 48.54 0.66 2.80
CA SER A 98 47.20 0.54 3.36
C SER A 98 47.29 0.53 4.88
N HIS A 99 46.14 0.55 5.53
CA HIS A 99 46.10 0.44 6.98
C HIS A 99 44.75 -0.15 7.37
N SER A 100 44.78 -0.99 8.38
CA SER A 100 43.60 -1.67 8.90
C SER A 100 43.38 -1.37 10.38
N HIS A 101 42.11 -1.28 10.75
CA HIS A 101 41.67 -0.94 12.09
C HIS A 101 41.04 -2.18 12.73
N LEU A 102 41.36 -2.40 14.00
CA LEU A 102 40.85 -3.55 14.74
C LEU A 102 39.96 -3.04 15.87
N LEU A 103 38.75 -3.59 15.95
CA LEU A 103 37.83 -3.33 17.05
C LEU A 103 37.71 -4.56 17.91
N LEU A 104 37.45 -4.35 19.20
CA LEU A 104 37.35 -5.44 20.17
C LEU A 104 35.91 -5.59 20.65
N HIS A 105 35.41 -6.83 20.66
CA HIS A 105 34.10 -7.15 21.24
C HIS A 105 34.28 -8.08 22.44
N LYS A 106 34.09 -7.55 23.65
CA LYS A 106 34.36 -8.32 24.86
C LYS A 106 33.30 -9.39 25.11
N LYS A 107 33.75 -10.56 25.55
CA LYS A 107 32.89 -11.67 25.95
C LYS A 107 33.44 -12.22 27.26
N GLU A 108 32.65 -12.12 28.33
CA GLU A 108 33.11 -12.51 29.67
C GLU A 108 32.06 -13.41 30.29
N ASN A 109 32.49 -14.61 30.70
CA ASN A 109 31.60 -15.65 31.21
C ASN A 109 30.59 -16.07 30.15
N GLY A 110 30.99 -15.99 28.87
CA GLY A 110 30.08 -16.35 27.81
C GLY A 110 29.12 -15.25 27.45
N ILE A 111 29.18 -14.12 28.16
CA ILE A 111 28.26 -13.00 27.99
C ILE A 111 28.96 -11.88 27.26
N TRP A 112 28.26 -11.29 26.30
CA TRP A 112 28.78 -10.11 25.62
C TRP A 112 28.69 -8.89 26.52
N SER A 113 29.74 -8.08 26.53
CA SER A 113 29.81 -6.95 27.45
C SER A 113 28.71 -5.94 27.13
N THR A 114 28.23 -5.25 28.18
CA THR A 114 27.23 -4.19 28.02
C THR A 114 27.63 -3.03 28.93
N GLU A 115 28.74 -2.40 28.59
CA GLU A 115 29.37 -1.40 29.45
C GLU A 115 29.29 0.01 28.88
N ILE A 116 28.98 0.16 27.59
CA ILE A 116 28.85 1.49 27.01
C ILE A 116 27.52 2.14 27.39
N LEU A 117 26.47 1.34 27.48
CA LEU A 117 25.12 1.83 27.75
C LEU A 117 24.73 1.54 29.19
N LYS A 118 23.87 2.39 29.74
CA LYS A 118 23.33 2.21 31.07
C LYS A 118 21.88 1.74 30.92
N ASN A 119 21.55 0.60 31.51
CA ASN A 119 20.23 0.02 31.38
C ASN A 119 19.18 0.76 32.22
N PHE A 120 17.95 0.77 31.70
CA PHE A 120 16.83 1.41 32.38
C PHE A 120 16.41 0.58 33.60
N LYS A 121 15.47 1.11 34.38
CA LYS A 121 15.01 0.39 35.57
C LYS A 121 14.63 -1.06 35.26
N ASN A 122 13.97 -1.28 34.13
CA ASN A 122 13.55 -2.63 33.73
C ASN A 122 14.67 -3.46 33.10
N LYS A 123 15.92 -3.01 33.22
CA LYS A 123 17.09 -3.72 32.70
C LYS A 123 17.11 -3.78 31.18
N THR A 124 16.25 -3.00 30.51
CA THR A 124 16.35 -2.82 29.07
C THR A 124 17.22 -1.60 28.77
N PHE A 125 17.73 -1.57 27.54
CA PHE A 125 18.60 -0.49 27.05
C PHE A 125 17.93 0.51 26.13
N LEU A 126 17.08 0.06 25.21
CA LEU A 126 16.40 0.92 24.24
C LEU A 126 14.95 1.23 24.59
N LYS A 127 14.62 2.52 24.58
CA LYS A 127 13.27 3.00 24.84
C LYS A 127 12.83 3.86 23.66
N CYS A 128 11.80 3.39 22.95
CA CYS A 128 11.25 4.05 21.78
C CYS A 128 9.82 4.48 22.04
N GLU A 129 9.41 5.58 21.41
CA GLU A 129 8.04 6.08 21.55
C GLU A 129 7.63 6.76 20.25
N ALA A 130 6.35 6.60 19.89
CA ALA A 130 5.79 7.15 18.66
C ALA A 130 4.53 7.95 18.97
N PRO A 131 4.36 9.14 18.37
CA PRO A 131 3.14 9.91 18.62
C PRO A 131 1.93 9.46 17.82
N ASN A 132 2.10 8.63 16.78
CA ASN A 132 0.98 8.22 15.94
C ASN A 132 1.40 6.98 15.16
N TYR A 133 0.46 6.43 14.39
CA TYR A 133 0.68 5.21 13.64
C TYR A 133 1.25 5.47 12.25
N SER A 134 1.81 6.66 12.03
CA SER A 134 2.31 7.01 10.71
C SER A 134 3.48 6.13 10.28
N GLY A 135 4.24 5.63 11.25
CA GLY A 135 5.50 4.96 11.00
C GLY A 135 6.71 5.66 11.58
N ARG A 136 6.63 6.97 11.80
CA ARG A 136 7.70 7.70 12.45
C ARG A 136 7.71 7.42 13.95
N PHE A 137 8.93 7.35 14.51
CA PHE A 137 9.13 7.11 15.93
C PHE A 137 10.55 7.54 16.29
N THR A 138 10.84 7.56 17.58
CA THR A 138 12.18 7.85 18.08
C THR A 138 12.58 6.84 19.13
N CYS A 139 13.87 6.51 19.15
CA CYS A 139 14.46 5.67 20.17
C CYS A 139 15.55 6.45 20.90
N SER A 140 15.73 6.16 22.18
CA SER A 140 16.67 6.87 23.02
C SER A 140 17.41 5.85 23.87
N TRP A 141 18.58 6.23 24.34
CA TRP A 141 19.37 5.37 25.20
C TRP A 141 20.20 6.22 26.14
N LEU A 142 20.76 5.56 27.15
CA LEU A 142 21.62 6.22 28.12
C LEU A 142 23.04 5.74 27.90
N VAL A 143 24.00 6.56 28.34
CA VAL A 143 25.42 6.25 28.19
C VAL A 143 26.08 6.33 29.56
N GLN A 144 27.01 5.41 29.80
CA GLN A 144 27.68 5.38 31.10
C GLN A 144 28.71 6.50 31.20
N ARG A 145 29.40 6.79 30.10
CA ARG A 145 30.38 7.88 30.04
C ARG A 145 30.34 8.47 28.63
N ASN A 146 29.96 9.75 28.53
CA ASN A 146 29.81 10.41 27.23
C ASN A 146 31.18 10.89 26.76
N MET A 147 31.95 9.97 26.18
CA MET A 147 33.28 10.30 25.69
C MET A 147 33.66 9.38 24.54
N ASP A 148 34.12 9.97 23.44
CA ASP A 148 34.63 9.22 22.30
C ASP A 148 33.64 8.13 21.88
N LEU A 149 32.41 8.55 21.60
CA LEU A 149 31.35 7.62 21.23
C LEU A 149 31.07 7.69 19.73
N LYS A 150 30.63 6.57 19.19
CA LYS A 150 30.21 6.44 17.81
C LYS A 150 29.06 5.45 17.77
N PHE A 151 27.92 5.90 17.25
CA PHE A 151 26.71 5.11 17.19
C PHE A 151 26.33 4.86 15.75
N ASN A 152 25.54 3.81 15.53
CA ASN A 152 25.04 3.48 14.21
C ASN A 152 23.88 2.50 14.38
N ILE A 153 22.73 2.84 13.80
CA ILE A 153 21.49 2.08 13.93
C ILE A 153 21.00 1.72 12.55
N LYS A 154 20.40 0.54 12.42
CA LYS A 154 19.97 0.05 11.12
C LYS A 154 18.97 -1.09 11.29
N SER A 155 18.37 -1.50 10.18
CA SER A 155 17.43 -2.62 10.17
C SER A 155 18.16 -3.94 10.37
N SER A 156 17.85 -4.64 11.47
CA SER A 156 18.57 -5.86 11.78
C SER A 156 18.35 -6.91 10.68
N SER A 157 17.09 -7.27 10.43
CA SER A 157 16.77 -8.24 9.40
C SER A 157 16.75 -7.60 8.02
N SER A 158 17.39 -8.25 7.04
CA SER A 158 17.42 -7.70 5.69
C SER A 158 16.80 -8.68 4.69
N SER A 159 15.61 -9.17 4.98
CA SER A 159 14.87 -10.06 4.10
C SER A 159 13.82 -9.28 3.33
N PRO A 160 13.23 -9.89 2.30
CA PRO A 160 12.18 -9.16 1.55
C PRO A 160 10.93 -8.96 2.37
N ASP A 161 10.54 -9.94 3.18
CA ASP A 161 9.35 -9.82 4.02
C ASP A 161 9.63 -9.14 5.35
N SER A 162 10.72 -8.38 5.45
CA SER A 162 11.00 -7.59 6.64
C SER A 162 10.45 -6.18 6.47
N ARG A 163 10.31 -5.47 7.59
CA ARG A 163 9.85 -4.09 7.55
C ARG A 163 11.07 -3.19 7.51
N ALA A 164 11.25 -2.50 6.38
CA ALA A 164 12.39 -1.63 6.15
C ALA A 164 12.25 -0.32 6.89
N VAL A 165 13.34 0.14 7.50
CA VAL A 165 13.34 1.35 8.31
C VAL A 165 14.54 2.20 7.90
N THR A 166 14.31 3.52 7.85
CA THR A 166 15.31 4.53 7.50
C THR A 166 15.53 5.45 8.70
N CYS A 167 16.63 5.25 9.41
CA CYS A 167 16.91 6.02 10.61
C CYS A 167 17.79 7.23 10.32
N GLY A 168 17.65 8.22 11.19
CA GLY A 168 18.42 9.46 11.13
C GLY A 168 19.72 9.39 11.89
N MET A 169 20.19 10.54 12.34
CA MET A 169 21.44 10.64 13.09
C MET A 169 21.19 10.82 14.58
N ALA A 170 22.04 10.16 15.37
CA ALA A 170 21.94 10.19 16.83
C ALA A 170 22.36 11.53 17.39
N SER A 171 21.64 12.01 18.40
CA SER A 171 21.94 13.32 18.97
C SER A 171 22.00 13.22 20.48
N LEU A 172 22.94 13.97 21.07
CA LEU A 172 23.05 14.09 22.52
C LEU A 172 21.90 14.94 23.04
N SER A 173 21.23 14.46 24.08
CA SER A 173 20.10 15.22 24.59
C SER A 173 20.54 16.15 25.72
N ALA A 174 19.81 17.24 25.87
CA ALA A 174 20.07 18.20 26.95
C ALA A 174 19.65 17.62 28.30
N GLU A 175 18.62 16.80 28.30
CA GLU A 175 18.11 16.19 29.51
C GLU A 175 19.07 15.14 30.05
N LYS A 176 19.21 15.10 31.36
CA LYS A 176 20.10 14.17 32.04
C LYS A 176 19.21 13.38 32.97
N VAL A 177 19.08 12.09 32.70
CA VAL A 177 18.28 11.19 33.52
C VAL A 177 19.00 10.90 34.83
N THR A 178 18.22 10.74 35.89
CA THR A 178 18.73 10.50 37.23
C THR A 178 18.16 9.16 37.69
N LEU A 179 19.05 8.17 37.81
CA LEU A 179 18.67 6.83 38.26
C LEU A 179 19.52 6.49 39.48
N ASP A 180 18.93 5.77 40.42
CA ASP A 180 19.57 5.50 41.71
C ASP A 180 19.75 6.90 42.28
N GLN A 181 20.96 7.32 42.63
CA GLN A 181 21.25 8.70 42.97
C GLN A 181 22.42 9.16 42.10
N ARG A 182 22.34 8.84 40.80
CA ARG A 182 23.41 9.12 39.87
C ARG A 182 22.74 9.60 38.57
N ASP A 183 23.34 10.56 37.87
CA ASP A 183 22.75 11.03 36.61
C ASP A 183 23.48 10.45 35.39
N TYR A 184 22.77 10.45 34.25
CA TYR A 184 23.25 9.90 33.00
C TYR A 184 22.78 10.72 31.80
N GLU A 185 23.71 10.97 30.88
CA GLU A 185 23.40 11.68 29.64
C GLU A 185 22.62 10.78 28.68
N LYS A 186 21.61 11.35 28.01
CA LYS A 186 20.75 10.57 27.12
C LYS A 186 20.97 10.98 25.66
N TYR A 187 20.85 9.98 24.78
CA TYR A 187 20.95 10.12 23.34
C TYR A 187 19.61 9.78 22.69
N SER A 188 19.41 10.24 21.44
CA SER A 188 18.14 9.99 20.76
C SER A 188 18.33 10.02 19.25
N VAL A 189 17.46 9.30 18.53
CA VAL A 189 17.53 9.21 17.07
C VAL A 189 16.11 9.00 16.53
N SER A 190 15.78 9.71 15.45
CA SER A 190 14.47 9.60 14.81
C SER A 190 14.53 8.67 13.59
N CYS A 191 13.46 7.90 13.38
CA CYS A 191 13.39 6.88 12.33
C CYS A 191 12.00 6.90 11.70
N GLN A 192 11.91 6.44 10.45
CA GLN A 192 10.63 6.38 9.72
C GLN A 192 10.51 5.02 9.05
N GLU A 193 9.35 4.38 9.21
CA GLU A 193 9.07 3.12 8.53
C GLU A 193 8.71 3.25 7.06
N ASP A 194 9.41 2.47 6.24
CA ASP A 194 9.34 2.50 4.80
C ASP A 194 7.92 2.32 4.26
N VAL A 195 7.35 1.13 4.50
CA VAL A 195 6.05 0.74 3.98
C VAL A 195 4.96 0.70 5.04
N THR A 196 3.79 1.26 4.69
CA THR A 196 2.69 1.41 5.62
C THR A 196 1.40 1.18 4.85
N CYS A 197 0.37 0.73 5.57
CA CYS A 197 -1.01 0.76 5.08
C CYS A 197 -1.77 0.96 6.38
N PRO A 198 -2.04 2.23 6.78
CA PRO A 198 -2.53 2.48 8.14
C PRO A 198 -3.55 1.59 8.81
N THR A 199 -4.64 1.18 8.16
CA THR A 199 -5.63 0.40 8.91
C THR A 199 -5.15 -1.02 9.21
N ALA A 200 -4.19 -1.52 8.44
CA ALA A 200 -3.76 -2.90 8.58
C ALA A 200 -3.06 -3.19 9.91
N GLU A 201 -3.25 -4.42 10.37
CA GLU A 201 -2.62 -4.98 11.55
C GLU A 201 -1.16 -5.33 11.27
N GLU A 202 -0.32 -5.10 12.26
CA GLU A 202 1.10 -5.40 12.15
C GLU A 202 1.25 -6.88 12.50
N THR A 203 1.76 -7.66 11.55
CA THR A 203 1.92 -9.09 11.69
C THR A 203 3.31 -9.51 12.16
N LEU A 204 4.32 -8.68 11.96
CA LEU A 204 5.65 -8.97 12.42
C LEU A 204 6.27 -7.66 12.91
N PRO A 205 7.19 -7.72 13.85
CA PRO A 205 7.65 -6.50 14.52
C PRO A 205 8.78 -5.81 13.78
N ILE A 206 9.09 -4.61 14.24
CA ILE A 206 10.23 -3.85 13.77
C ILE A 206 11.40 -4.31 14.64
N GLU A 207 12.35 -4.99 14.02
CA GLU A 207 13.52 -5.52 14.72
C GLU A 207 14.70 -4.59 14.45
N LEU A 208 15.22 -3.99 15.51
CA LEU A 208 16.31 -3.04 15.43
C LEU A 208 17.56 -3.59 16.09
N ALA A 209 18.69 -2.95 15.77
CA ALA A 209 19.98 -3.31 16.35
C ALA A 209 20.82 -2.04 16.40
N LEU A 210 21.34 -1.73 17.59
CA LEU A 210 22.20 -0.56 17.76
C LEU A 210 23.64 -1.03 17.84
N GLU A 211 24.49 -0.48 16.98
CA GLU A 211 25.94 -0.66 17.04
C GLU A 211 26.56 0.52 17.75
N ALA A 212 27.38 0.24 18.76
CA ALA A 212 28.02 1.27 19.56
C ALA A 212 29.52 1.06 19.55
N ARG A 213 30.28 2.13 19.34
CA ARG A 213 31.73 2.06 19.42
C ARG A 213 32.17 3.13 20.42
N GLN A 214 33.23 2.83 21.15
CA GLN A 214 33.83 3.79 22.10
C GLN A 214 35.32 3.52 22.13
N GLN A 215 36.11 4.39 21.50
CA GLN A 215 37.54 4.14 21.30
C GLN A 215 37.59 2.86 20.46
N ASN A 216 38.21 1.78 20.92
CA ASN A 216 38.27 0.54 20.18
C ASN A 216 37.42 -0.57 20.81
N LYS A 217 36.35 -0.22 21.50
CA LYS A 217 35.42 -1.20 22.06
C LYS A 217 34.15 -1.22 21.22
N TYR A 218 33.69 -2.41 20.85
CA TYR A 218 32.48 -2.60 20.07
C TYR A 218 31.46 -3.43 20.82
N GLU A 219 30.21 -2.95 20.83
CA GLU A 219 29.08 -3.67 21.42
C GLU A 219 27.88 -3.45 20.52
N ASN A 220 26.84 -4.26 20.70
CA ASN A 220 25.61 -4.03 19.95
C ASN A 220 24.40 -4.58 20.69
N TYR A 221 23.30 -3.84 20.57
CA TYR A 221 22.06 -4.04 21.33
C TYR A 221 20.91 -4.23 20.35
N SER A 222 19.98 -5.13 20.66
CA SER A 222 18.87 -5.41 19.76
C SER A 222 17.54 -5.36 20.49
N THR A 223 16.48 -5.11 19.71
CA THR A 223 15.13 -4.99 20.22
C THR A 223 14.15 -5.26 19.09
N SER A 224 12.98 -5.80 19.45
CA SER A 224 11.89 -6.00 18.49
C SER A 224 10.62 -5.44 19.12
N PHE A 225 9.77 -4.82 18.30
CA PHE A 225 8.57 -4.20 18.84
C PHE A 225 7.58 -3.87 17.73
N PHE A 226 6.31 -3.76 18.13
CA PHE A 226 5.23 -3.23 17.30
C PHE A 226 4.95 -1.78 17.65
N ILE A 227 4.69 -0.97 16.62
CA ILE A 227 4.46 0.47 16.81
C ILE A 227 3.32 0.72 17.79
N ARG A 228 2.30 -0.13 17.79
CA ARG A 228 1.15 0.05 18.68
C ARG A 228 1.54 0.06 20.16
N ASP A 229 2.58 -0.68 20.55
CA ASP A 229 2.95 -0.76 21.96
C ASP A 229 3.70 0.48 22.42
N ILE A 230 4.40 1.17 21.49
CA ILE A 230 5.18 2.35 21.79
C ILE A 230 4.41 3.66 21.63
N ILE A 231 3.11 3.61 21.33
CA ILE A 231 2.36 4.83 21.09
C ILE A 231 2.32 5.71 22.34
N LYS A 232 2.54 7.02 22.13
CA LYS A 232 2.39 8.03 23.18
C LYS A 232 1.90 9.32 22.52
N PRO A 233 0.61 9.62 22.60
CA PRO A 233 0.07 10.82 21.93
C PRO A 233 0.61 12.11 22.55
N ASP A 234 0.49 13.20 21.78
CA ASP A 234 0.85 14.52 22.26
C ASP A 234 -0.29 15.14 23.09
N PRO A 235 0.01 16.14 23.92
CA PRO A 235 -1.00 16.65 24.84
C PRO A 235 -2.13 17.37 24.13
N PRO A 236 -3.36 17.32 24.68
CA PRO A 236 -4.49 17.96 23.99
C PRO A 236 -4.36 19.47 23.91
N LYS A 237 -4.67 20.02 22.74
CA LYS A 237 -4.51 21.46 22.53
C LYS A 237 -5.80 22.21 22.87
N ASN A 238 -5.66 23.53 23.10
CA ASN A 238 -6.78 24.43 23.36
C ASN A 238 -7.72 23.92 24.46
N LEU A 239 -7.20 23.77 25.67
CA LEU A 239 -8.04 23.37 26.80
C LEU A 239 -8.69 24.63 27.37
N GLN A 240 -9.88 24.96 26.90
CA GLN A 240 -10.56 26.18 27.30
C GLN A 240 -11.65 25.98 28.36
N MET A 241 -12.02 27.09 29.01
CA MET A 241 -13.00 27.18 30.09
C MET A 241 -14.19 28.07 29.73
N LYS A 242 -15.34 27.75 30.35
CA LYS A 242 -16.56 28.53 30.21
C LYS A 242 -17.51 28.20 31.37
N PRO A 243 -17.75 29.12 32.30
CA PRO A 243 -18.59 28.80 33.46
C PRO A 243 -20.06 28.69 33.09
N LEU A 244 -20.82 28.15 34.05
CA LEU A 244 -22.25 27.89 33.94
C LEU A 244 -23.11 28.44 35.07
N LYS A 245 -22.81 28.01 36.29
CA LYS A 245 -23.56 28.35 37.49
C LYS A 245 -22.58 28.26 38.65
N ASN A 246 -23.06 28.44 39.86
CA ASN A 246 -22.15 28.44 40.99
C ASN A 246 -21.27 27.19 41.07
N SER A 247 -19.97 27.43 40.90
CA SER A 247 -18.88 26.46 40.98
C SER A 247 -18.79 25.45 39.85
N GLN A 248 -19.92 25.02 39.27
CA GLN A 248 -19.87 24.09 38.15
C GLN A 248 -19.28 24.77 36.91
N VAL A 249 -18.53 24.01 36.11
CA VAL A 249 -17.87 24.56 34.92
C VAL A 249 -17.61 23.46 33.91
N GLU A 250 -17.80 23.81 32.64
CA GLU A 250 -17.53 22.94 31.49
C GLU A 250 -16.17 23.24 30.87
N VAL A 251 -15.36 22.19 30.69
CA VAL A 251 -14.00 22.29 30.16
C VAL A 251 -13.94 21.54 28.83
N SER A 252 -13.32 22.14 27.82
CA SER A 252 -13.27 21.62 26.47
C SER A 252 -11.86 21.72 25.90
N TRP A 253 -11.59 20.91 24.87
CA TRP A 253 -10.27 20.83 24.25
C TRP A 253 -10.44 20.24 22.84
N GLU A 254 -9.32 19.95 22.18
CA GLU A 254 -9.37 19.33 20.87
C GLU A 254 -8.15 18.45 20.65
N TYR A 255 -8.28 17.50 19.73
CA TYR A 255 -7.21 16.55 19.45
C TYR A 255 -5.94 17.28 19.01
N PRO A 256 -4.77 16.70 19.29
CA PRO A 256 -3.52 17.33 18.88
C PRO A 256 -3.29 17.22 17.38
N ASP A 257 -2.52 18.16 16.85
CA ASP A 257 -2.26 18.20 15.42
C ASP A 257 -1.46 16.98 14.95
N SER A 258 -0.57 16.48 15.81
CA SER A 258 0.27 15.34 15.43
C SER A 258 -0.52 14.06 15.21
N TRP A 259 -1.67 13.92 15.85
CA TRP A 259 -2.36 12.64 15.85
C TRP A 259 -2.80 12.21 14.45
N SER A 260 -2.90 10.90 14.27
CA SER A 260 -3.28 10.31 12.99
C SER A 260 -4.70 10.69 12.62
N THR A 261 -4.97 10.71 11.31
CA THR A 261 -6.27 11.03 10.77
C THR A 261 -6.76 9.86 9.91
N PRO A 262 -8.08 9.67 9.79
CA PRO A 262 -9.16 10.45 10.40
C PRO A 262 -9.39 10.16 11.88
N HIS A 263 -9.88 11.18 12.60
CA HIS A 263 -10.05 11.05 14.04
C HIS A 263 -11.20 10.10 14.40
N SER A 264 -12.10 9.85 13.45
CA SER A 264 -13.15 8.87 13.63
C SER A 264 -12.61 7.46 13.78
N TYR A 265 -11.48 7.16 13.13
CA TYR A 265 -10.83 5.86 13.25
C TYR A 265 -9.86 5.81 14.41
N PHE A 266 -8.94 6.77 14.49
CA PHE A 266 -7.96 6.79 15.58
C PHE A 266 -8.59 7.54 16.75
N SER A 267 -9.59 6.90 17.34
CA SER A 267 -10.34 7.49 18.43
C SER A 267 -9.49 7.52 19.69
N LEU A 268 -9.88 8.37 20.62
CA LEU A 268 -9.11 8.56 21.84
C LEU A 268 -10.04 8.55 23.04
N LYS A 269 -9.47 8.14 24.18
CA LYS A 269 -10.14 8.20 25.47
C LYS A 269 -9.27 9.05 26.38
N PHE A 270 -9.88 10.07 26.98
CA PHE A 270 -9.16 11.02 27.82
C PHE A 270 -9.44 10.78 29.30
N PHE A 271 -8.44 11.07 30.13
CA PHE A 271 -8.57 10.99 31.57
C PHE A 271 -8.48 12.42 32.09
N VAL A 272 -9.28 12.72 33.12
CA VAL A 272 -9.41 14.06 33.66
C VAL A 272 -9.19 14.01 35.17
N ARG A 273 -8.18 14.74 35.64
CA ARG A 273 -7.88 14.80 37.06
C ARG A 273 -7.90 16.27 37.49
N ILE A 274 -7.86 16.47 38.81
CA ILE A 274 -7.87 17.80 39.40
C ILE A 274 -6.62 17.93 40.26
N GLN A 275 -5.71 18.81 39.85
CA GLN A 275 -4.44 19.00 40.55
C GLN A 275 -4.63 20.11 41.59
N ARG A 276 -4.51 19.74 42.86
CA ARG A 276 -4.66 20.71 43.96
C ARG A 276 -3.47 21.65 44.01
N LYS A 291 -5.12 7.14 38.49
CA LYS A 291 -5.36 7.35 39.91
C LYS A 291 -6.83 7.66 40.17
N GLY A 292 -7.11 8.84 40.73
CA GLY A 292 -8.48 9.22 41.02
C GLY A 292 -9.07 10.07 39.90
N ALA A 293 -8.58 9.84 38.69
CA ALA A 293 -9.02 10.56 37.50
C ALA A 293 -10.10 9.74 36.81
N PHE A 294 -11.10 10.41 36.24
CA PHE A 294 -12.18 9.74 35.55
C PHE A 294 -12.17 9.98 34.05
N LEU A 295 -12.50 8.91 33.31
CA LEU A 295 -12.41 8.84 31.86
C LEU A 295 -13.59 9.58 31.22
N VAL A 296 -13.33 10.23 30.10
CA VAL A 296 -14.37 10.89 29.30
C VAL A 296 -13.99 10.78 27.82
N GLU A 297 -14.87 10.14 27.04
CA GLU A 297 -14.67 9.97 25.60
C GLU A 297 -15.01 11.20 24.77
N LYS A 298 -16.00 12.00 25.18
CA LYS A 298 -16.25 13.23 24.45
C LYS A 298 -15.08 14.19 24.70
N THR A 299 -15.03 15.28 23.93
CA THR A 299 -13.93 16.22 24.05
C THR A 299 -14.27 17.38 24.99
N SER A 300 -15.20 17.17 25.92
CA SER A 300 -15.57 18.18 26.89
C SER A 300 -16.41 17.54 27.98
N THR A 301 -16.41 18.16 29.16
CA THR A 301 -17.22 17.68 30.27
C THR A 301 -17.48 18.83 31.21
N GLU A 302 -18.47 18.67 32.09
CA GLU A 302 -18.73 19.62 33.16
C GLU A 302 -18.48 19.02 34.53
N VAL A 303 -17.81 19.78 35.39
CA VAL A 303 -17.35 19.27 36.69
C VAL A 303 -17.18 20.48 37.61
N GLN A 304 -17.18 20.23 38.91
CA GLN A 304 -17.02 21.29 39.91
C GLN A 304 -15.63 21.22 40.50
N CYS A 305 -14.95 22.37 40.59
CA CYS A 305 -13.64 22.42 41.24
C CYS A 305 -13.52 23.75 42.01
N ASN A 309 -5.86 23.18 39.89
CA ASN A 309 -5.56 22.93 38.48
C ASN A 309 -6.46 21.79 37.98
N VAL A 310 -6.81 21.81 36.69
CA VAL A 310 -7.52 20.71 36.04
C VAL A 310 -6.64 20.13 34.94
N CYS A 311 -6.13 18.92 35.15
CA CYS A 311 -5.18 18.31 34.24
C CYS A 311 -5.89 17.19 33.48
N VAL A 312 -5.51 17.02 32.21
CA VAL A 312 -6.12 16.02 31.34
C VAL A 312 -5.05 15.41 30.43
N GLN A 313 -5.10 14.09 30.27
CA GLN A 313 -4.19 13.35 29.42
C GLN A 313 -5.02 12.50 28.46
N ALA A 314 -4.36 11.96 27.45
CA ALA A 314 -5.04 11.22 26.40
C ALA A 314 -4.50 9.80 26.28
N GLN A 315 -5.29 8.95 25.63
CA GLN A 315 -4.95 7.55 25.39
C GLN A 315 -5.78 7.04 24.23
N ASP A 316 -5.24 6.05 23.52
CA ASP A 316 -5.99 5.41 22.46
C ASP A 316 -7.25 4.75 22.99
N ARG A 317 -8.38 5.03 22.34
CA ARG A 317 -9.67 4.56 22.86
C ARG A 317 -9.71 3.04 22.95
N TYR A 318 -9.13 2.37 21.97
CA TYR A 318 -9.34 0.94 21.79
C TYR A 318 -8.18 0.10 22.28
N TYR A 319 -6.99 0.67 22.37
CA TYR A 319 -5.81 -0.05 22.84
C TYR A 319 -5.23 0.65 24.06
N ASN A 320 -4.81 -0.15 25.05
CA ASN A 320 -4.25 0.38 26.29
C ASN A 320 -2.76 0.67 26.09
N SER A 321 -2.48 1.69 25.28
CA SER A 321 -1.11 2.12 25.08
C SER A 321 -0.75 3.25 26.05
N SER A 322 0.47 3.75 25.92
CA SER A 322 0.93 4.80 26.82
C SER A 322 0.09 6.06 26.66
N CYS A 323 -0.19 6.71 27.78
CA CYS A 323 -0.94 7.96 27.78
C CYS A 323 -0.01 9.13 27.43
N SER A 324 -0.63 10.26 27.11
CA SER A 324 0.08 11.46 26.72
C SER A 324 0.48 12.27 27.95
N LYS A 325 1.32 13.28 27.73
CA LYS A 325 1.63 14.21 28.81
C LYS A 325 0.38 14.99 29.20
N TRP A 326 0.37 15.49 30.44
CA TRP A 326 -0.77 16.21 30.95
C TRP A 326 -0.84 17.62 30.39
N ALA A 327 -2.06 18.08 30.13
CA ALA A 327 -2.36 19.45 29.69
C ALA A 327 -3.21 20.08 30.79
N CYS A 328 -2.66 21.06 31.49
CA CYS A 328 -3.29 21.60 32.69
C CYS A 328 -3.64 23.07 32.53
N VAL A 329 -4.66 23.50 33.26
CA VAL A 329 -5.09 24.90 33.29
C VAL A 329 -5.69 25.18 34.66
N PRO A 330 -5.59 26.42 35.17
CA PRO A 330 -6.11 26.72 36.52
C PRO A 330 -7.63 26.74 36.59
N CYS A 331 -8.18 26.11 37.64
CA CYS A 331 -9.62 26.08 37.87
C CYS A 331 -10.02 27.45 38.45
N ARG A 332 -10.20 28.42 37.56
CA ARG A 332 -10.46 29.80 37.97
C ARG A 332 -11.55 30.41 37.11
N MET B 23 -0.79 -4.26 -40.92
CA MET B 23 -1.36 -5.53 -40.48
C MET B 23 -0.69 -5.96 -39.18
N TRP B 24 -1.43 -6.66 -38.31
CA TRP B 24 -0.84 -7.12 -37.06
C TRP B 24 -1.60 -8.34 -36.54
N GLU B 25 -0.88 -9.18 -35.81
CA GLU B 25 -1.38 -10.48 -35.36
C GLU B 25 -2.12 -10.38 -34.02
N LEU B 26 -3.36 -10.87 -34.00
CA LEU B 26 -4.16 -10.93 -32.79
C LEU B 26 -3.88 -12.21 -32.02
N GLU B 27 -3.83 -13.33 -32.73
CA GLU B 27 -3.45 -14.63 -32.18
C GLU B 27 -2.93 -15.47 -33.33
N LYS B 28 -2.60 -16.73 -33.04
CA LYS B 28 -2.02 -17.60 -34.05
C LYS B 28 -2.89 -17.64 -35.30
N ASP B 29 -2.33 -17.16 -36.42
CA ASP B 29 -2.99 -17.22 -37.72
C ASP B 29 -4.27 -16.41 -37.76
N VAL B 30 -4.35 -15.35 -36.96
CA VAL B 30 -5.46 -14.40 -37.00
C VAL B 30 -4.86 -13.01 -37.00
N TYR B 31 -5.10 -12.26 -38.07
CA TYR B 31 -4.47 -10.97 -38.30
C TYR B 31 -5.52 -9.87 -38.46
N VAL B 32 -5.18 -8.66 -38.04
CA VAL B 32 -6.08 -7.51 -38.13
C VAL B 32 -5.53 -6.53 -39.16
N VAL B 33 -6.39 -6.06 -40.06
CA VAL B 33 -6.04 -5.16 -41.15
C VAL B 33 -6.82 -3.86 -40.99
N GLU B 34 -6.10 -2.76 -40.77
CA GLU B 34 -6.71 -1.43 -40.68
C GLU B 34 -7.04 -0.91 -42.07
N VAL B 35 -8.27 -0.40 -42.25
CA VAL B 35 -8.79 -0.02 -43.55
C VAL B 35 -9.50 1.32 -43.46
N ASP B 36 -9.16 2.22 -44.38
CA ASP B 36 -9.88 3.49 -44.54
C ASP B 36 -11.16 3.25 -45.36
N TRP B 37 -12.31 3.57 -44.75
CA TRP B 37 -13.62 3.27 -45.34
C TRP B 37 -14.22 4.46 -46.07
N THR B 38 -13.40 5.31 -46.68
CA THR B 38 -13.93 6.33 -47.57
C THR B 38 -14.30 5.71 -48.92
N PRO B 39 -15.18 6.35 -49.69
CA PRO B 39 -15.65 5.72 -50.92
C PRO B 39 -14.50 5.33 -51.84
N ASP B 40 -13.61 6.27 -52.14
CA ASP B 40 -12.52 6.02 -53.09
C ASP B 40 -11.18 5.93 -52.35
N ALA B 41 -11.05 4.95 -51.46
CA ALA B 41 -9.81 4.78 -50.73
C ALA B 41 -8.97 3.68 -51.36
N PRO B 42 -7.64 3.81 -51.41
CA PRO B 42 -6.82 2.71 -51.95
C PRO B 42 -6.60 1.65 -50.87
N GLY B 43 -7.03 0.42 -51.15
CA GLY B 43 -6.89 -0.62 -50.16
C GLY B 43 -5.44 -0.95 -49.88
N GLU B 44 -5.20 -1.55 -48.72
CA GLU B 44 -3.86 -1.95 -48.36
C GLU B 44 -3.55 -3.30 -48.99
N THR B 45 -2.43 -3.39 -49.69
CA THR B 45 -1.98 -4.65 -50.28
C THR B 45 -1.18 -5.41 -49.23
N VAL B 46 -1.58 -6.65 -48.96
CA VAL B 46 -0.98 -7.48 -47.93
C VAL B 46 -0.58 -8.82 -48.52
N ASN B 47 0.65 -9.25 -48.22
CA ASN B 47 1.15 -10.53 -48.68
C ASN B 47 0.91 -11.57 -47.58
N LEU B 48 0.34 -12.71 -47.97
CA LEU B 48 0.07 -13.81 -47.05
C LEU B 48 0.79 -15.05 -47.57
N THR B 49 1.82 -15.47 -46.84
CA THR B 49 2.57 -16.67 -47.19
C THR B 49 2.04 -17.85 -46.38
N CYS B 50 2.20 -19.05 -46.93
CA CYS B 50 1.71 -20.25 -46.27
C CYS B 50 2.76 -20.74 -45.29
N ASP B 51 2.29 -21.31 -44.17
CA ASP B 51 3.18 -21.86 -43.14
C ASP B 51 3.33 -23.35 -43.38
N THR B 52 4.13 -23.69 -44.39
CA THR B 52 4.35 -25.06 -44.80
C THR B 52 5.68 -25.11 -45.54
N PRO B 53 6.37 -26.26 -45.53
CA PRO B 53 7.61 -26.35 -46.31
C PRO B 53 7.43 -26.56 -47.80
N GLU B 54 6.27 -27.00 -48.28
CA GLU B 54 6.15 -27.24 -49.70
C GLU B 54 6.09 -25.90 -50.44
N GLU B 55 6.39 -25.93 -51.74
CA GLU B 55 6.35 -24.74 -52.57
C GLU B 55 5.61 -24.88 -53.89
N ASP B 56 5.21 -26.08 -54.29
CA ASP B 56 4.54 -26.31 -55.55
C ASP B 56 3.07 -26.67 -55.33
N ASP B 57 2.28 -26.55 -56.40
CA ASP B 57 0.89 -26.98 -56.39
C ASP B 57 0.07 -26.34 -55.27
N ILE B 58 0.42 -25.12 -54.87
CA ILE B 58 -0.24 -24.45 -53.75
C ILE B 58 -1.41 -23.62 -54.27
N THR B 59 -2.57 -23.79 -53.63
CA THR B 59 -3.80 -23.11 -54.01
C THR B 59 -4.49 -22.54 -52.77
N TRP B 60 -5.26 -21.48 -52.96
CA TRP B 60 -5.95 -20.78 -51.90
C TRP B 60 -7.46 -20.79 -52.11
N THR B 61 -8.20 -20.73 -51.00
CA THR B 61 -9.64 -20.58 -51.03
C THR B 61 -10.05 -19.60 -49.95
N SER B 62 -11.30 -19.16 -50.01
CA SER B 62 -11.88 -18.28 -48.99
C SER B 62 -13.20 -18.86 -48.52
N ASP B 63 -13.55 -18.58 -47.26
CA ASP B 63 -14.84 -18.96 -46.71
C ASP B 63 -15.93 -17.97 -47.07
N GLN B 64 -15.63 -16.99 -47.92
CA GLN B 64 -16.59 -16.04 -48.43
C GLN B 64 -16.85 -16.20 -49.92
N ARG B 65 -15.82 -16.53 -50.70
CA ARG B 65 -15.89 -16.63 -52.14
C ARG B 65 -15.90 -18.09 -52.56
N HIS B 66 -16.56 -18.37 -53.68
CA HIS B 66 -16.69 -19.72 -54.20
C HIS B 66 -15.49 -20.05 -55.07
N GLY B 67 -14.93 -21.24 -54.86
CA GLY B 67 -13.86 -21.74 -55.71
C GLY B 67 -12.50 -21.17 -55.36
N VAL B 68 -11.55 -21.46 -56.24
CA VAL B 68 -10.17 -21.04 -56.04
C VAL B 68 -10.05 -19.54 -56.30
N ILE B 69 -9.50 -18.82 -55.34
CA ILE B 69 -9.30 -17.38 -55.47
C ILE B 69 -7.84 -16.98 -55.59
N GLY B 70 -6.91 -17.92 -55.62
CA GLY B 70 -5.51 -17.56 -55.76
C GLY B 70 -4.65 -18.79 -55.88
N SER B 71 -3.35 -18.54 -56.08
CA SER B 71 -2.37 -19.61 -56.21
C SER B 71 -1.01 -19.05 -55.83
N GLY B 72 -0.05 -19.94 -55.67
CA GLY B 72 1.30 -19.54 -55.28
C GLY B 72 1.50 -19.59 -53.78
N LYS B 73 2.76 -19.82 -53.38
CA LYS B 73 3.06 -19.92 -51.96
C LYS B 73 2.63 -18.66 -51.21
N THR B 74 2.79 -17.49 -51.83
CA THR B 74 2.36 -16.22 -51.25
C THR B 74 1.23 -15.61 -52.06
N LEU B 75 0.12 -15.31 -51.39
CA LEU B 75 -1.03 -14.67 -52.03
C LEU B 75 -1.04 -13.18 -51.70
N THR B 76 -1.09 -12.34 -52.74
CA THR B 76 -1.10 -10.89 -52.59
C THR B 76 -2.47 -10.36 -53.01
N ILE B 77 -3.16 -9.67 -52.10
CA ILE B 77 -4.51 -9.18 -52.36
C ILE B 77 -4.67 -7.76 -51.84
N THR B 78 -5.68 -7.06 -52.39
CA THR B 78 -6.04 -5.71 -51.97
C THR B 78 -7.32 -5.83 -51.16
N VAL B 79 -7.23 -5.50 -49.87
CA VAL B 79 -8.30 -5.70 -48.90
C VAL B 79 -8.98 -4.35 -48.62
N LYS B 80 -10.19 -4.17 -49.13
CA LYS B 80 -10.99 -2.99 -48.85
C LYS B 80 -12.34 -3.32 -48.25
N GLU B 81 -13.12 -4.20 -48.90
CA GLU B 81 -14.43 -4.60 -48.40
C GLU B 81 -14.32 -5.85 -47.53
N PHE B 82 -15.44 -6.20 -46.89
CA PHE B 82 -15.49 -7.37 -46.01
C PHE B 82 -15.49 -8.69 -46.75
N LEU B 83 -15.82 -8.72 -48.03
CA LEU B 83 -15.67 -9.97 -48.78
C LEU B 83 -14.21 -10.36 -48.90
N ASP B 84 -13.30 -9.39 -48.84
CA ASP B 84 -11.86 -9.68 -48.83
C ASP B 84 -11.37 -10.21 -47.49
N ALA B 85 -12.24 -10.34 -46.49
CA ALA B 85 -11.87 -10.85 -45.18
C ALA B 85 -12.24 -12.33 -45.05
N GLY B 86 -12.11 -12.87 -43.84
CA GLY B 86 -12.49 -14.23 -43.54
C GLY B 86 -11.29 -15.17 -43.43
N GLN B 87 -11.59 -16.47 -43.52
CA GLN B 87 -10.58 -17.51 -43.37
C GLN B 87 -10.03 -17.89 -44.74
N TYR B 88 -8.73 -17.67 -44.94
CA TYR B 88 -8.03 -18.09 -46.16
C TYR B 88 -7.27 -19.38 -45.92
N THR B 89 -7.59 -20.41 -46.69
CA THR B 89 -7.04 -21.74 -46.52
C THR B 89 -6.06 -22.06 -47.65
N CYS B 90 -4.96 -22.73 -47.32
CA CYS B 90 -4.05 -23.27 -48.32
C CYS B 90 -4.50 -24.66 -48.77
N HIS B 91 -4.11 -25.04 -49.98
CA HIS B 91 -4.42 -26.36 -50.48
C HIS B 91 -3.31 -26.87 -51.40
N LYS B 92 -3.20 -28.20 -51.46
CA LYS B 92 -2.36 -28.90 -52.42
C LYS B 92 -2.99 -30.26 -52.68
N GLY B 93 -3.25 -30.56 -53.95
CA GLY B 93 -3.78 -31.86 -54.28
C GLY B 93 -5.01 -32.24 -53.49
N GLY B 94 -5.94 -31.31 -53.29
CA GLY B 94 -7.16 -31.64 -52.60
C GLY B 94 -7.06 -31.73 -51.09
N GLU B 95 -5.86 -31.66 -50.53
CA GLU B 95 -5.69 -31.69 -49.07
C GLU B 95 -5.45 -30.29 -48.55
N THR B 96 -6.04 -30.01 -47.39
CA THR B 96 -5.86 -28.74 -46.69
C THR B 96 -4.54 -28.62 -45.95
N LEU B 97 -4.04 -27.38 -45.88
CA LEU B 97 -2.75 -27.05 -45.29
C LEU B 97 -3.09 -26.15 -44.11
N SER B 98 -2.43 -25.00 -43.99
CA SER B 98 -2.67 -24.06 -42.90
C SER B 98 -3.78 -23.11 -43.33
N HIS B 99 -4.22 -22.26 -42.41
CA HIS B 99 -5.22 -21.25 -42.76
C HIS B 99 -5.09 -20.07 -41.81
N SER B 100 -5.28 -18.87 -42.36
CA SER B 100 -5.21 -17.61 -41.65
C SER B 100 -6.50 -16.82 -41.76
N HIS B 101 -6.86 -16.11 -40.70
CA HIS B 101 -8.09 -15.34 -40.62
C HIS B 101 -7.75 -13.85 -40.62
N LEU B 102 -8.50 -13.07 -41.38
CA LEU B 102 -8.29 -11.63 -41.51
C LEU B 102 -9.49 -10.87 -40.96
N LEU B 103 -9.22 -9.93 -40.05
CA LEU B 103 -10.24 -9.03 -39.52
C LEU B 103 -9.97 -7.60 -39.97
N LEU B 104 -11.06 -6.83 -40.12
CA LEU B 104 -11.02 -5.45 -40.58
C LEU B 104 -11.40 -4.47 -39.47
N HIS B 105 -10.63 -3.38 -39.37
CA HIS B 105 -10.92 -2.27 -38.47
C HIS B 105 -11.27 -1.04 -39.30
N LYS B 106 -12.55 -0.67 -39.32
CA LYS B 106 -13.01 0.40 -40.19
C LYS B 106 -12.57 1.77 -39.65
N LYS B 107 -12.16 2.65 -40.57
CA LYS B 107 -11.79 4.02 -40.26
C LYS B 107 -12.43 4.94 -41.28
N GLU B 108 -13.33 5.82 -40.82
CA GLU B 108 -14.11 6.69 -41.69
C GLU B 108 -14.01 8.11 -41.14
N ASN B 109 -13.55 9.03 -42.00
CA ASN B 109 -13.30 10.42 -41.64
C ASN B 109 -12.24 10.52 -40.54
N GLY B 110 -11.31 9.57 -40.52
CA GLY B 110 -10.25 9.56 -39.52
C GLY B 110 -10.65 8.95 -38.20
N ILE B 111 -11.92 8.56 -38.04
CA ILE B 111 -12.45 8.05 -36.78
C ILE B 111 -12.64 6.54 -36.89
N TRP B 112 -12.25 5.84 -35.84
CA TRP B 112 -12.49 4.40 -35.76
C TRP B 112 -13.95 4.07 -35.46
N SER B 113 -14.45 3.05 -36.16
CA SER B 113 -15.86 2.68 -36.12
C SER B 113 -16.27 2.20 -34.73
N THR B 114 -17.54 2.46 -34.38
CA THR B 114 -18.13 2.01 -33.12
C THR B 114 -19.55 1.49 -33.41
N GLU B 115 -19.62 0.38 -34.14
CA GLU B 115 -20.89 -0.13 -34.65
C GLU B 115 -21.33 -1.44 -34.00
N ILE B 116 -20.43 -2.12 -33.29
CA ILE B 116 -20.79 -3.36 -32.60
C ILE B 116 -21.54 -3.09 -31.30
N LEU B 117 -21.17 -2.02 -30.60
CA LEU B 117 -21.73 -1.71 -29.29
C LEU B 117 -22.73 -0.57 -29.38
N LYS B 118 -23.72 -0.58 -28.48
CA LYS B 118 -24.70 0.49 -28.38
C LYS B 118 -24.38 1.32 -27.14
N ASN B 119 -24.21 2.63 -27.34
CA ASN B 119 -23.83 3.55 -26.28
C ASN B 119 -25.00 3.90 -25.35
N PHE B 120 -24.67 4.16 -24.08
CA PHE B 120 -25.70 4.54 -23.13
C PHE B 120 -26.17 5.98 -23.40
N LYS B 121 -27.20 6.39 -22.65
CA LYS B 121 -27.76 7.73 -22.82
C LYS B 121 -26.67 8.81 -22.80
N ASN B 122 -25.67 8.66 -21.93
CA ASN B 122 -24.58 9.63 -21.81
C ASN B 122 -23.51 9.47 -22.89
N LYS B 123 -23.79 8.70 -23.93
CA LYS B 123 -22.89 8.47 -25.06
C LYS B 123 -21.62 7.72 -24.68
N THR B 124 -21.55 7.15 -23.49
CA THR B 124 -20.47 6.23 -23.16
C THR B 124 -20.91 4.81 -23.52
N PHE B 125 -19.92 3.92 -23.66
CA PHE B 125 -20.17 2.53 -24.00
C PHE B 125 -20.03 1.58 -22.82
N LEU B 126 -18.99 1.78 -22.00
CA LEU B 126 -18.72 0.92 -20.86
C LEU B 126 -19.13 1.58 -19.55
N LYS B 127 -19.91 0.86 -18.75
CA LYS B 127 -20.36 1.32 -17.44
C LYS B 127 -19.97 0.27 -16.41
N CYS B 128 -19.10 0.64 -15.48
CA CYS B 128 -18.60 -0.23 -14.44
C CYS B 128 -19.06 0.23 -13.06
N GLU B 129 -19.22 -0.73 -12.15
CA GLU B 129 -19.62 -0.42 -10.78
C GLU B 129 -19.00 -1.44 -9.85
N ALA B 130 -18.61 -0.98 -8.66
CA ALA B 130 -17.96 -1.80 -7.65
C ALA B 130 -18.69 -1.65 -6.32
N PRO B 131 -18.95 -2.75 -5.60
CA PRO B 131 -19.61 -2.62 -4.30
C PRO B 131 -18.70 -2.22 -3.14
N ASN B 132 -17.38 -2.28 -3.32
CA ASN B 132 -16.46 -1.96 -2.23
C ASN B 132 -15.08 -1.66 -2.83
N TYR B 133 -14.16 -1.27 -1.95
CA TYR B 133 -12.81 -0.90 -2.35
C TYR B 133 -11.85 -2.09 -2.40
N SER B 134 -12.38 -3.31 -2.47
CA SER B 134 -11.53 -4.49 -2.45
C SER B 134 -10.62 -4.55 -3.68
N GLY B 135 -11.08 -3.99 -4.79
CA GLY B 135 -10.45 -4.18 -6.09
C GLY B 135 -11.33 -4.91 -7.07
N ARG B 136 -12.30 -5.68 -6.59
CA ARG B 136 -13.27 -6.32 -7.46
C ARG B 136 -14.27 -5.30 -7.98
N PHE B 137 -14.66 -5.48 -9.24
CA PHE B 137 -15.66 -4.62 -9.88
C PHE B 137 -16.17 -5.34 -11.11
N THR B 138 -17.23 -4.79 -11.70
CA THR B 138 -17.77 -5.33 -12.94
C THR B 138 -18.02 -4.20 -13.93
N CYS B 139 -17.83 -4.52 -15.21
CA CYS B 139 -18.13 -3.63 -16.32
C CYS B 139 -19.16 -4.29 -17.23
N SER B 140 -20.01 -3.47 -17.84
CA SER B 140 -21.08 -3.97 -18.68
C SER B 140 -21.17 -3.12 -19.94
N TRP B 141 -21.75 -3.71 -20.99
CA TRP B 141 -21.95 -3.00 -22.24
C TRP B 141 -23.18 -3.57 -22.95
N LEU B 142 -23.62 -2.83 -23.97
CA LEU B 142 -24.74 -3.21 -24.82
C LEU B 142 -24.18 -3.57 -26.19
N VAL B 143 -24.93 -4.37 -26.92
CA VAL B 143 -24.55 -4.80 -28.26
C VAL B 143 -25.68 -4.52 -29.22
N GLN B 144 -25.32 -4.13 -30.45
CA GLN B 144 -26.31 -3.76 -31.45
C GLN B 144 -26.99 -4.99 -32.02
N ARG B 145 -26.24 -6.06 -32.21
CA ARG B 145 -26.80 -7.32 -32.71
C ARG B 145 -26.05 -8.46 -32.04
N ASN B 146 -26.76 -9.25 -31.23
CA ASN B 146 -26.16 -10.35 -30.48
C ASN B 146 -26.02 -11.55 -31.40
N MET B 147 -24.98 -11.54 -32.21
CA MET B 147 -24.73 -12.63 -33.14
C MET B 147 -23.24 -12.76 -33.42
N ASP B 148 -22.73 -13.99 -33.32
CA ASP B 148 -21.35 -14.33 -33.66
C ASP B 148 -20.35 -13.38 -33.00
N LEU B 149 -20.44 -13.27 -31.67
CA LEU B 149 -19.59 -12.36 -30.91
C LEU B 149 -18.48 -13.11 -30.17
N LYS B 150 -17.36 -12.40 -30.01
CA LYS B 150 -16.20 -12.86 -29.24
C LYS B 150 -15.60 -11.64 -28.56
N PHE B 151 -15.53 -11.67 -27.23
CA PHE B 151 -15.03 -10.54 -26.45
C PHE B 151 -13.75 -10.90 -25.71
N ASN B 152 -13.00 -9.87 -25.34
CA ASN B 152 -11.77 -10.03 -24.58
C ASN B 152 -11.35 -8.69 -23.99
N ILE B 153 -11.15 -8.66 -22.68
CA ILE B 153 -10.85 -7.46 -21.91
C ILE B 153 -9.54 -7.67 -21.17
N LYS B 154 -8.74 -6.62 -21.06
CA LYS B 154 -7.40 -6.74 -20.48
C LYS B 154 -6.87 -5.36 -20.10
N SER B 155 -5.74 -5.37 -19.40
CA SER B 155 -5.07 -4.14 -19.00
C SER B 155 -4.44 -3.46 -20.21
N SER B 156 -4.90 -2.24 -20.51
CA SER B 156 -4.42 -1.55 -21.71
C SER B 156 -2.92 -1.29 -21.62
N SER B 157 -2.50 -0.58 -20.58
CA SER B 157 -1.09 -0.27 -20.39
C SER B 157 -0.36 -1.45 -19.77
N SER B 158 0.80 -1.79 -20.33
CA SER B 158 1.58 -2.91 -19.81
C SER B 158 2.95 -2.42 -19.35
N SER B 159 2.97 -1.37 -18.55
CA SER B 159 4.18 -0.82 -17.96
C SER B 159 4.33 -1.34 -16.54
N PRO B 160 5.51 -1.13 -15.93
CA PRO B 160 5.67 -1.62 -14.55
C PRO B 160 4.83 -0.82 -13.56
N ASP B 161 4.73 0.50 -13.75
CA ASP B 161 3.92 1.35 -12.89
C ASP B 161 2.47 1.42 -13.32
N SER B 162 1.98 0.44 -14.08
CA SER B 162 0.55 0.35 -14.38
C SER B 162 -0.14 -0.50 -13.34
N ARG B 163 -1.46 -0.39 -13.28
CA ARG B 163 -2.24 -1.21 -12.35
C ARG B 163 -2.71 -2.45 -13.09
N ALA B 164 -2.18 -3.59 -12.68
CA ALA B 164 -2.50 -4.87 -13.30
C ALA B 164 -3.87 -5.36 -12.85
N VAL B 165 -4.65 -5.87 -13.80
CA VAL B 165 -6.00 -6.33 -13.54
C VAL B 165 -6.19 -7.69 -14.21
N THR B 166 -6.91 -8.58 -13.53
CA THR B 166 -7.21 -9.94 -13.99
C THR B 166 -8.71 -10.06 -14.19
N CYS B 167 -9.16 -9.99 -15.44
CA CYS B 167 -10.57 -10.03 -15.77
C CYS B 167 -11.01 -11.45 -16.13
N GLY B 168 -12.30 -11.71 -15.94
CA GLY B 168 -12.91 -12.98 -16.24
C GLY B 168 -13.40 -13.12 -17.66
N MET B 169 -14.42 -13.97 -17.82
CA MET B 169 -15.01 -14.23 -19.14
C MET B 169 -16.34 -13.49 -19.28
N ALA B 170 -16.59 -12.97 -20.48
CA ALA B 170 -17.80 -12.23 -20.74
C ALA B 170 -18.98 -13.19 -20.80
N SER B 171 -20.10 -12.78 -20.21
CA SER B 171 -21.28 -13.63 -20.13
C SER B 171 -22.51 -12.85 -20.58
N LEU B 172 -23.40 -13.55 -21.29
CA LEU B 172 -24.69 -12.97 -21.69
C LEU B 172 -25.60 -12.82 -20.48
N SER B 173 -26.19 -11.64 -20.33
CA SER B 173 -27.05 -11.40 -19.19
C SER B 173 -28.50 -11.69 -19.55
N ALA B 174 -29.29 -12.08 -18.54
CA ALA B 174 -30.71 -12.32 -18.76
C ALA B 174 -31.47 -11.01 -18.97
N GLU B 175 -31.03 -9.95 -18.30
CA GLU B 175 -31.67 -8.66 -18.42
C GLU B 175 -31.41 -8.02 -19.77
N LYS B 176 -32.44 -7.41 -20.33
CA LYS B 176 -32.36 -6.75 -21.63
C LYS B 176 -32.79 -5.31 -21.40
N VAL B 177 -31.85 -4.39 -21.61
CA VAL B 177 -32.13 -2.97 -21.45
C VAL B 177 -32.99 -2.46 -22.58
N THR B 178 -33.84 -1.48 -22.23
CA THR B 178 -34.80 -0.86 -23.12
C THR B 178 -34.42 0.61 -23.15
N LEU B 179 -33.95 1.09 -24.31
CA LEU B 179 -33.60 2.49 -24.44
C LEU B 179 -34.38 3.07 -25.61
N ASP B 180 -34.77 4.33 -25.46
CA ASP B 180 -35.62 4.99 -26.43
C ASP B 180 -36.89 4.14 -26.39
N GLN B 181 -37.33 3.57 -27.51
CA GLN B 181 -38.42 2.60 -27.58
C GLN B 181 -37.94 1.33 -28.26
N ARG B 182 -36.71 0.90 -27.92
CA ARG B 182 -36.06 -0.27 -28.51
C ARG B 182 -35.23 -0.93 -27.42
N ASP B 183 -35.17 -2.27 -27.44
CA ASP B 183 -34.40 -3.04 -26.48
C ASP B 183 -33.09 -3.59 -27.05
N TYR B 184 -32.16 -3.87 -26.14
CA TYR B 184 -30.81 -4.29 -26.47
C TYR B 184 -30.31 -5.27 -25.42
N GLU B 185 -29.61 -6.31 -25.88
CA GLU B 185 -29.00 -7.29 -25.00
C GLU B 185 -27.79 -6.71 -24.28
N LYS B 186 -27.61 -7.06 -23.01
CA LYS B 186 -26.55 -6.51 -22.18
C LYS B 186 -25.52 -7.60 -21.87
N TYR B 187 -24.25 -7.21 -21.82
CA TYR B 187 -23.14 -8.06 -21.42
C TYR B 187 -22.48 -7.52 -20.17
N SER B 188 -21.74 -8.39 -19.47
CA SER B 188 -21.08 -7.98 -18.25
C SER B 188 -19.89 -8.89 -17.98
N VAL B 189 -18.90 -8.34 -17.25
CA VAL B 189 -17.69 -9.08 -16.91
C VAL B 189 -17.16 -8.58 -15.57
N SER B 190 -16.75 -9.51 -14.71
CA SER B 190 -16.19 -9.18 -13.40
C SER B 190 -14.67 -9.22 -13.45
N CYS B 191 -14.02 -8.30 -12.72
CA CYS B 191 -12.58 -8.14 -12.74
C CYS B 191 -12.06 -7.89 -11.33
N GLN B 192 -10.79 -8.21 -11.11
CA GLN B 192 -10.11 -8.01 -9.83
C GLN B 192 -8.76 -7.34 -10.09
N GLU B 193 -8.46 -6.31 -9.31
CA GLU B 193 -7.17 -5.64 -9.37
C GLU B 193 -6.05 -6.41 -8.66
N ASP B 194 -4.92 -6.58 -9.36
CA ASP B 194 -3.83 -7.42 -8.90
C ASP B 194 -3.37 -7.04 -7.49
N VAL B 195 -2.86 -5.82 -7.30
CA VAL B 195 -2.30 -5.44 -6.01
C VAL B 195 -3.23 -4.46 -5.32
N THR B 196 -3.45 -4.69 -4.01
CA THR B 196 -4.39 -3.87 -3.26
C THR B 196 -3.90 -3.59 -1.83
N CYS B 197 -4.28 -2.42 -1.30
CA CYS B 197 -4.07 -2.12 0.12
C CYS B 197 -5.24 -1.23 0.54
N PRO B 198 -6.25 -1.77 1.22
CA PRO B 198 -7.52 -1.02 1.42
C PRO B 198 -7.29 0.48 1.63
N THR B 199 -6.39 0.83 2.55
CA THR B 199 -6.16 2.22 2.92
C THR B 199 -5.43 3.01 1.83
N ALA B 200 -4.81 2.33 0.88
CA ALA B 200 -3.90 2.96 -0.07
C ALA B 200 -4.60 4.05 -0.89
N GLU B 201 -3.85 5.12 -1.16
CA GLU B 201 -4.30 6.21 -2.01
C GLU B 201 -4.19 5.82 -3.49
N GLU B 202 -5.16 6.26 -4.29
CA GLU B 202 -5.08 5.94 -5.71
C GLU B 202 -4.21 7.00 -6.37
N THR B 203 -3.06 6.58 -6.91
CA THR B 203 -2.15 7.52 -7.54
C THR B 203 -2.27 7.57 -9.05
N LEU B 204 -2.77 6.49 -9.67
CA LEU B 204 -3.01 6.41 -11.10
C LEU B 204 -4.24 5.56 -11.36
N PRO B 205 -4.93 5.76 -12.47
CA PRO B 205 -6.22 5.13 -12.69
C PRO B 205 -6.06 3.73 -13.27
N ILE B 206 -7.18 3.01 -13.30
CA ILE B 206 -7.26 1.70 -13.93
C ILE B 206 -7.58 1.92 -15.41
N GLU B 207 -6.63 1.57 -16.28
CA GLU B 207 -6.79 1.74 -17.71
C GLU B 207 -7.17 0.39 -18.31
N LEU B 208 -8.36 0.32 -18.88
CA LEU B 208 -8.91 -0.90 -19.45
C LEU B 208 -9.05 -0.74 -20.97
N ALA B 209 -9.20 -1.87 -21.63
CA ALA B 209 -9.40 -1.91 -23.07
C ALA B 209 -10.27 -3.11 -23.41
N LEU B 210 -11.36 -2.88 -24.12
CA LEU B 210 -12.24 -3.96 -24.54
C LEU B 210 -12.01 -4.24 -26.01
N GLU B 211 -11.73 -5.50 -26.32
CA GLU B 211 -11.68 -5.98 -27.69
C GLU B 211 -13.02 -6.62 -28.03
N ALA B 212 -13.60 -6.22 -29.15
CA ALA B 212 -14.90 -6.70 -29.59
C ALA B 212 -14.72 -7.27 -30.99
N ARG B 213 -15.27 -8.45 -31.22
CA ARG B 213 -15.24 -9.03 -32.55
C ARG B 213 -16.67 -9.37 -32.92
N GLN B 214 -17.00 -9.22 -34.20
CA GLN B 214 -18.32 -9.62 -34.69
C GLN B 214 -18.19 -10.07 -36.13
N GLN B 215 -18.25 -11.37 -36.38
CA GLN B 215 -17.96 -11.92 -37.72
C GLN B 215 -16.52 -11.52 -38.02
N ASN B 216 -16.25 -10.76 -39.08
CA ASN B 216 -14.90 -10.33 -39.43
C ASN B 216 -14.71 -8.83 -39.19
N LYS B 217 -15.43 -8.25 -38.23
CA LYS B 217 -15.28 -6.85 -37.86
C LYS B 217 -14.53 -6.75 -36.53
N TYR B 218 -13.53 -5.86 -36.49
CA TYR B 218 -12.75 -5.65 -35.28
C TYR B 218 -12.86 -4.20 -34.81
N GLU B 219 -13.13 -4.02 -33.53
CA GLU B 219 -13.16 -2.69 -32.92
C GLU B 219 -12.57 -2.82 -31.52
N ASN B 220 -12.22 -1.69 -30.91
CA ASN B 220 -11.77 -1.74 -29.53
C ASN B 220 -12.03 -0.41 -28.84
N TYR B 221 -12.40 -0.52 -27.56
CA TYR B 221 -12.89 0.57 -26.73
C TYR B 221 -12.03 0.67 -25.49
N SER B 222 -11.75 1.89 -25.05
CA SER B 222 -10.88 2.10 -23.89
C SER B 222 -11.59 3.01 -22.91
N THR B 223 -11.17 2.90 -21.65
CA THR B 223 -11.73 3.69 -20.58
C THR B 223 -10.73 3.74 -19.43
N SER B 224 -10.75 4.85 -18.69
CA SER B 224 -9.93 4.99 -17.50
C SER B 224 -10.82 5.49 -16.36
N PHE B 225 -10.55 5.01 -15.17
CA PHE B 225 -11.37 5.37 -14.02
C PHE B 225 -10.65 4.98 -12.73
N PHE B 226 -11.05 5.65 -11.67
CA PHE B 226 -10.68 5.32 -10.30
C PHE B 226 -11.81 4.54 -9.64
N ILE B 227 -11.45 3.51 -8.87
CA ILE B 227 -12.47 2.65 -8.25
C ILE B 227 -13.42 3.49 -7.40
N ARG B 228 -12.91 4.57 -6.80
CA ARG B 228 -13.74 5.42 -5.97
C ARG B 228 -14.92 6.01 -6.74
N ASP B 229 -14.77 6.25 -8.05
CA ASP B 229 -15.82 6.90 -8.81
C ASP B 229 -16.95 5.92 -9.18
N ILE B 230 -16.63 4.62 -9.29
CA ILE B 230 -17.57 3.57 -9.66
C ILE B 230 -18.26 2.91 -8.46
N ILE B 231 -18.02 3.38 -7.24
CA ILE B 231 -18.58 2.72 -6.07
C ILE B 231 -20.11 2.77 -6.07
N LYS B 232 -20.72 1.62 -5.72
CA LYS B 232 -22.16 1.52 -5.54
C LYS B 232 -22.41 0.48 -4.44
N PRO B 233 -22.69 0.92 -3.21
CA PRO B 233 -22.89 -0.03 -2.11
C PRO B 233 -24.12 -0.91 -2.28
N ASP B 234 -24.13 -2.03 -1.55
CA ASP B 234 -25.31 -2.88 -1.49
C ASP B 234 -26.29 -2.33 -0.47
N PRO B 235 -27.57 -2.72 -0.54
CA PRO B 235 -28.57 -2.09 0.33
C PRO B 235 -28.37 -2.46 1.79
N PRO B 236 -28.72 -1.55 2.71
CA PRO B 236 -28.52 -1.83 4.14
C PRO B 236 -29.39 -2.97 4.64
N LYS B 237 -28.81 -3.87 5.43
CA LYS B 237 -29.53 -5.05 5.90
C LYS B 237 -30.23 -4.82 7.24
N ASN B 238 -31.19 -5.69 7.54
CA ASN B 238 -31.94 -5.71 8.80
C ASN B 238 -32.50 -4.35 9.20
N LEU B 239 -33.40 -3.82 8.38
CA LEU B 239 -34.09 -2.56 8.67
C LEU B 239 -35.30 -2.86 9.53
N GLN B 240 -35.15 -2.78 10.86
CA GLN B 240 -36.23 -3.11 11.78
C GLN B 240 -36.94 -1.87 12.35
N MET B 241 -38.18 -2.09 12.81
CA MET B 241 -39.03 -1.06 13.40
C MET B 241 -39.45 -1.43 14.83
N LYS B 242 -39.73 -0.40 15.63
CA LYS B 242 -40.18 -0.58 17.01
C LYS B 242 -40.89 0.70 17.45
N PRO B 243 -42.22 0.69 17.70
CA PRO B 243 -42.89 1.96 17.96
C PRO B 243 -42.51 2.52 19.32
N LEU B 244 -42.85 3.80 19.51
CA LEU B 244 -42.55 4.56 20.71
C LEU B 244 -43.73 5.32 21.30
N LYS B 245 -44.30 6.20 20.48
CA LYS B 245 -45.37 7.10 20.85
C LYS B 245 -46.32 7.21 19.67
N ASN B 246 -47.32 8.08 19.78
CA ASN B 246 -48.32 8.19 18.74
C ASN B 246 -47.72 8.45 17.36
N SER B 247 -47.87 7.47 16.47
CA SER B 247 -47.39 7.54 15.09
C SER B 247 -45.87 7.52 14.98
N GLN B 248 -45.19 8.10 15.95
CA GLN B 248 -43.73 8.11 16.00
C GLN B 248 -43.17 6.71 16.22
N VAL B 249 -42.07 6.42 15.54
CA VAL B 249 -41.45 5.10 15.58
C VAL B 249 -39.99 5.24 15.16
N GLU B 250 -39.13 4.47 15.83
CA GLU B 250 -37.70 4.42 15.57
C GLU B 250 -37.32 3.25 14.67
N VAL B 251 -36.55 3.54 13.62
CA VAL B 251 -36.12 2.57 12.63
C VAL B 251 -34.61 2.43 12.69
N SER B 252 -34.12 1.20 12.64
CA SER B 252 -32.70 0.87 12.81
C SER B 252 -32.27 -0.12 11.72
N TRP B 253 -30.96 -0.19 11.49
CA TRP B 253 -30.40 -1.07 10.46
C TRP B 253 -28.91 -1.32 10.74
N GLU B 254 -28.23 -1.97 9.79
CA GLU B 254 -26.80 -2.22 9.90
C GLU B 254 -26.15 -2.25 8.53
N TYR B 255 -24.83 -2.02 8.51
CA TYR B 255 -24.08 -1.99 7.26
C TYR B 255 -24.22 -3.31 6.51
N PRO B 256 -24.13 -3.28 5.18
CA PRO B 256 -24.23 -4.53 4.42
C PRO B 256 -22.96 -5.36 4.56
N ASP B 257 -23.12 -6.67 4.36
CA ASP B 257 -21.98 -7.57 4.50
C ASP B 257 -20.91 -7.33 3.45
N SER B 258 -21.31 -6.91 2.25
CA SER B 258 -20.34 -6.71 1.17
C SER B 258 -19.39 -5.57 1.47
N TRP B 259 -19.80 -4.60 2.28
CA TRP B 259 -19.03 -3.38 2.42
C TRP B 259 -17.66 -3.65 3.04
N SER B 260 -16.71 -2.77 2.70
CA SER B 260 -15.34 -2.88 3.17
C SER B 260 -15.25 -2.73 4.69
N THR B 261 -14.22 -3.34 5.27
CA THR B 261 -13.93 -3.30 6.69
C THR B 261 -12.52 -2.74 6.90
N PRO B 262 -12.27 -2.10 8.05
CA PRO B 262 -13.21 -1.87 9.14
C PRO B 262 -14.22 -0.75 8.88
N HIS B 263 -15.40 -0.89 9.47
CA HIS B 263 -16.48 0.07 9.21
C HIS B 263 -16.18 1.42 9.85
N SER B 264 -15.29 1.45 10.85
CA SER B 264 -14.85 2.71 11.45
C SER B 264 -14.11 3.59 10.46
N TYR B 265 -13.41 2.99 9.50
CA TYR B 265 -12.70 3.72 8.45
C TYR B 265 -13.59 3.97 7.23
N PHE B 266 -14.23 2.93 6.71
CA PHE B 266 -15.07 3.06 5.52
C PHE B 266 -16.50 3.45 5.95
N SER B 267 -16.61 4.68 6.43
CA SER B 267 -17.89 5.19 6.92
C SER B 267 -18.84 5.51 5.77
N LEU B 268 -20.12 5.60 6.11
CA LEU B 268 -21.18 5.82 5.12
C LEU B 268 -22.11 6.95 5.56
N LYS B 269 -22.81 7.50 4.58
CA LYS B 269 -23.86 8.48 4.79
C LYS B 269 -25.15 7.86 4.29
N PHE B 270 -26.18 7.85 5.12
CA PHE B 270 -27.47 7.28 4.77
C PHE B 270 -28.52 8.35 4.51
N PHE B 271 -29.41 8.05 3.56
CA PHE B 271 -30.55 8.89 3.23
C PHE B 271 -31.81 8.11 3.52
N VAL B 272 -32.81 8.80 4.06
CA VAL B 272 -34.05 8.20 4.53
C VAL B 272 -35.23 8.91 3.89
N ARG B 273 -36.03 8.16 3.14
CA ARG B 273 -37.22 8.70 2.49
C ARG B 273 -38.45 7.93 2.96
N ILE B 274 -39.62 8.46 2.64
CA ILE B 274 -40.88 7.86 3.04
C ILE B 274 -41.67 7.56 1.78
N GLN B 275 -41.87 6.27 1.50
CA GLN B 275 -42.55 5.84 0.28
C GLN B 275 -44.03 5.66 0.56
N ARG B 276 -44.85 6.48 -0.09
CA ARG B 276 -46.30 6.41 0.08
C ARG B 276 -46.86 5.15 -0.56
N GLY B 287 -28.32 6.74 -10.20
CA GLY B 287 -27.44 7.11 -9.12
C GLY B 287 -28.18 7.44 -7.84
N CYS B 288 -27.95 8.62 -7.30
CA CYS B 288 -28.58 9.05 -6.05
C CYS B 288 -29.87 9.80 -6.34
N ASN B 289 -30.99 9.28 -5.84
CA ASN B 289 -32.27 9.97 -5.91
C ASN B 289 -32.37 10.88 -4.68
N GLN B 290 -31.98 12.14 -4.87
CA GLN B 290 -31.92 13.13 -3.80
C GLN B 290 -33.02 14.15 -4.04
N LYS B 291 -34.24 13.85 -3.59
CA LYS B 291 -35.31 14.83 -3.74
C LYS B 291 -35.99 15.19 -2.42
N GLY B 292 -36.41 14.23 -1.62
CA GLY B 292 -37.02 14.58 -0.35
C GLY B 292 -36.56 13.71 0.80
N ALA B 293 -35.34 13.18 0.68
CA ALA B 293 -34.74 12.31 1.69
C ALA B 293 -33.88 13.16 2.62
N PHE B 294 -33.85 12.81 3.90
CA PHE B 294 -33.04 13.57 4.84
C PHE B 294 -31.89 12.68 5.30
N LEU B 295 -30.72 13.29 5.46
CA LEU B 295 -29.49 12.57 5.75
C LEU B 295 -29.42 12.19 7.22
N VAL B 296 -28.91 11.00 7.49
CA VAL B 296 -28.65 10.56 8.86
C VAL B 296 -27.38 9.71 8.86
N GLU B 297 -26.38 10.14 9.61
CA GLU B 297 -25.12 9.43 9.72
C GLU B 297 -25.18 8.27 10.71
N LYS B 298 -25.98 8.39 11.76
CA LYS B 298 -26.14 7.25 12.65
C LYS B 298 -26.93 6.15 11.93
N THR B 299 -26.98 4.97 12.55
CA THR B 299 -27.66 3.84 11.94
C THR B 299 -29.09 3.68 12.43
N SER B 300 -29.72 4.76 12.87
CA SER B 300 -31.10 4.71 13.32
C SER B 300 -31.61 6.13 13.49
N THR B 301 -32.94 6.27 13.41
CA THR B 301 -33.57 7.57 13.60
C THR B 301 -34.99 7.32 14.07
N GLU B 302 -35.62 8.36 14.60
CA GLU B 302 -37.05 8.36 14.89
C GLU B 302 -37.74 9.38 14.00
N VAL B 303 -38.87 8.98 13.43
CA VAL B 303 -39.55 9.79 12.43
C VAL B 303 -41.02 9.39 12.42
N GLN B 304 -41.88 10.27 11.92
CA GLN B 304 -43.31 10.03 11.86
C GLN B 304 -43.74 9.70 10.44
N CYS B 305 -44.53 8.63 10.30
CA CYS B 305 -45.11 8.24 9.01
C CYS B 305 -46.52 7.70 9.13
N LYS B 306 -46.89 7.05 10.24
CA LYS B 306 -48.27 6.64 10.49
C LYS B 306 -48.84 5.82 9.33
N GLY B 307 -47.98 5.07 8.65
CA GLY B 307 -48.41 4.27 7.52
C GLY B 307 -47.62 4.58 6.26
N GLY B 308 -47.53 3.62 5.35
CA GLY B 308 -46.74 3.75 4.16
C GLY B 308 -45.45 2.94 4.23
N ASN B 309 -44.52 3.28 3.34
CA ASN B 309 -43.21 2.66 3.35
C ASN B 309 -42.17 3.67 3.81
N VAL B 310 -41.12 3.16 4.45
CA VAL B 310 -39.94 3.93 4.83
C VAL B 310 -38.71 3.35 4.12
N CYS B 311 -38.17 4.07 3.16
CA CYS B 311 -37.08 3.57 2.33
C CYS B 311 -35.79 4.29 2.70
N VAL B 312 -34.67 3.56 2.63
CA VAL B 312 -33.36 4.09 3.01
C VAL B 312 -32.29 3.54 2.07
N GLN B 313 -31.38 4.42 1.66
CA GLN B 313 -30.24 4.07 0.81
C GLN B 313 -28.96 4.56 1.46
N ALA B 314 -27.82 4.08 0.95
CA ALA B 314 -26.52 4.37 1.54
C ALA B 314 -25.59 5.04 0.54
N GLN B 315 -24.55 5.69 1.07
CA GLN B 315 -23.54 6.39 0.28
C GLN B 315 -22.29 6.56 1.14
N ASP B 316 -21.13 6.62 0.48
CA ASP B 316 -19.88 6.89 1.18
C ASP B 316 -19.90 8.26 1.87
N ARG B 317 -19.51 8.27 3.15
CA ARG B 317 -19.63 9.49 3.94
C ARG B 317 -18.82 10.63 3.34
N TYR B 318 -17.63 10.33 2.82
CA TYR B 318 -16.66 11.37 2.49
C TYR B 318 -16.60 11.66 1.00
N TYR B 319 -17.03 10.73 0.16
CA TYR B 319 -17.00 10.92 -1.28
C TYR B 319 -18.40 10.81 -1.86
N ASN B 320 -18.72 11.70 -2.79
CA ASN B 320 -20.04 11.71 -3.44
C ASN B 320 -20.04 10.73 -4.60
N SER B 321 -19.97 9.45 -4.28
CA SER B 321 -20.07 8.41 -5.29
C SER B 321 -21.51 7.94 -5.41
N SER B 322 -21.74 6.96 -6.28
CA SER B 322 -23.09 6.47 -6.52
C SER B 322 -23.69 5.86 -5.24
N CYS B 323 -24.97 6.13 -5.02
CA CYS B 323 -25.70 5.57 -3.89
C CYS B 323 -26.15 4.14 -4.20
N SER B 324 -26.56 3.43 -3.14
CA SER B 324 -27.00 2.05 -3.22
C SER B 324 -28.48 1.95 -3.59
N LYS B 325 -28.91 0.72 -3.88
CA LYS B 325 -30.32 0.46 -4.08
C LYS B 325 -31.08 0.69 -2.77
N TRP B 326 -32.39 0.98 -2.90
CA TRP B 326 -33.21 1.25 -1.75
C TRP B 326 -33.60 -0.02 -0.98
N ALA B 327 -33.65 0.11 0.35
CA ALA B 327 -34.12 -0.94 1.24
C ALA B 327 -35.37 -0.41 1.96
N CYS B 328 -36.53 -0.99 1.66
CA CYS B 328 -37.80 -0.46 2.11
C CYS B 328 -38.51 -1.43 3.05
N VAL B 329 -39.33 -0.88 3.93
CA VAL B 329 -40.13 -1.65 4.89
C VAL B 329 -41.41 -0.89 5.22
N PRO B 330 -42.51 -1.58 5.51
CA PRO B 330 -43.78 -0.86 5.74
C PRO B 330 -43.80 -0.14 7.09
N CYS B 331 -44.29 1.10 7.07
CA CYS B 331 -44.42 1.90 8.30
C CYS B 331 -45.63 1.33 9.04
N ARG B 332 -45.40 0.25 9.78
CA ARG B 332 -46.46 -0.49 10.42
C ARG B 332 -46.04 -0.89 11.82
N VAL B 333 -46.98 -0.84 12.75
CA VAL B 333 -46.73 -1.20 14.14
C VAL B 333 -48.02 -1.59 14.82
C1 NAG C . 26.42 -7.97 16.88
C2 NAG C . 26.37 -8.07 15.34
C3 NAG C . 26.71 -9.49 14.87
C4 NAG C . 28.00 -9.98 15.50
C5 NAG C . 27.88 -9.86 17.02
C6 NAG C . 29.14 -10.30 17.74
C7 NAG C . 24.93 -6.74 13.86
C8 NAG C . 23.53 -6.42 13.44
N2 NAG C . 25.08 -7.66 14.82
O3 NAG C . 26.82 -9.50 13.45
O4 NAG C . 28.24 -11.34 15.15
O5 NAG C . 27.66 -8.49 17.37
O6 NAG C . 30.29 -9.75 17.14
O7 NAG C . 25.90 -6.18 13.34
C1 NAG C . 28.90 -11.92 14.10
C2 NAG C . 29.05 -13.43 13.98
C3 NAG C . 30.00 -13.78 12.85
C4 NAG C . 29.55 -13.12 11.55
C5 NAG C . 29.33 -11.63 11.75
C6 NAG C . 28.70 -10.96 10.54
C7 NAG C . 28.65 -14.44 16.17
C8 NAG C . 29.28 -15.03 17.41
N2 NAG C . 29.49 -14.02 15.23
O3 NAG C . 30.05 -15.19 12.68
O4 NAG C . 30.52 -13.33 10.53
O5 NAG C . 28.44 -11.39 12.85
O6 NAG C . 27.34 -11.35 10.40
O7 NAG C . 27.43 -14.36 16.05
C1 BMA C . 30.53 -14.18 9.46
C2 BMA C . 31.16 -13.61 8.18
C3 BMA C . 30.93 -14.56 7.00
C4 BMA C . 31.28 -16.01 7.37
C5 BMA C . 30.52 -16.41 8.64
C6 BMA C . 30.84 -17.82 9.09
O2 BMA C . 32.57 -13.47 8.33
O3 BMA C . 31.68 -14.16 5.86
O4 BMA C . 30.92 -16.88 6.31
O5 BMA C . 30.90 -15.52 9.69
O6 BMA C . 32.21 -17.87 9.44
C1 MAN C . 32.47 -19.11 9.98
C2 MAN C . 33.82 -18.83 10.63
C3 MAN C . 34.90 -18.78 9.56
C4 MAN C . 34.87 -20.06 8.70
C5 MAN C . 33.45 -20.30 8.14
C6 MAN C . 33.30 -21.65 7.44
O2 MAN C . 34.21 -19.87 11.52
O3 MAN C . 36.20 -18.57 10.12
O4 MAN C . 35.78 -19.95 7.62
O5 MAN C . 32.49 -20.28 9.22
O6 MAN C . 33.98 -21.59 6.20
C1 MAN C . 36.76 -17.34 10.35
C2 MAN C . 38.31 -17.34 10.37
C3 MAN C . 38.80 -17.95 11.68
C4 MAN C . 38.11 -17.33 12.89
C5 MAN C . 36.58 -17.44 12.74
C6 MAN C . 35.82 -16.77 13.87
O2 MAN C . 38.83 -16.00 10.35
O3 MAN C . 40.22 -17.84 11.81
O4 MAN C . 38.52 -17.98 14.08
O5 MAN C . 36.19 -16.80 11.52
O6 MAN C . 34.43 -16.99 13.65
C1 MAN C . 31.09 -13.37 4.90
C2 MAN C . 31.58 -13.59 3.45
C3 MAN C . 32.95 -12.92 3.28
C4 MAN C . 32.94 -11.47 3.77
C5 MAN C . 32.43 -11.41 5.22
C6 MAN C . 32.29 -9.98 5.75
O2 MAN C . 30.72 -12.97 2.50
O3 MAN C . 33.38 -12.99 1.92
O4 MAN C . 34.24 -10.93 3.70
O5 MAN C . 31.12 -12.03 5.30
O6 MAN C . 32.00 -9.11 4.66
C1 NAG D . -6.89 -1.02 -30.74
C2 NAG D . -5.66 -1.84 -30.34
C3 NAG D . -4.40 -1.28 -30.97
C4 NAG D . -4.57 -1.20 -32.49
C5 NAG D . -5.81 -0.37 -32.82
C6 NAG D . -6.11 -0.33 -34.30
C7 NAG D . -5.47 -3.08 -28.22
C8 NAG D . -5.30 -2.98 -26.74
N2 NAG D . -5.52 -1.92 -28.90
O3 NAG D . -3.29 -2.10 -30.64
O4 NAG D . -3.42 -0.63 -33.09
O5 NAG D . -6.97 -0.93 -32.17
O6 NAG D . -6.12 -1.63 -34.85
O7 NAG D . -5.54 -4.16 -28.79
C1 NAG D . -2.16 -0.95 -33.54
C2 NAG D . -1.15 -0.13 -34.34
C3 NAG D . -0.20 -1.06 -35.08
C4 NAG D . 0.45 -2.03 -34.12
C5 NAG D . -0.61 -2.78 -33.33
C6 NAG D . -0.04 -3.67 -32.25
C7 NAG D . -2.21 2.00 -34.96
C8 NAG D . -2.91 2.77 -36.06
N2 NAG D . -1.83 0.75 -35.28
O3 NAG D . 0.80 -0.27 -35.73
O4 NAG D . 1.22 -2.99 -34.85
O5 NAG D . -1.46 -1.83 -32.65
O6 NAG D . 0.30 -2.94 -31.09
O7 NAG D . -2.00 2.49 -33.86
C1 BMA D . 2.62 -2.83 -34.60
C2 BMA D . 3.28 -4.23 -34.63
C3 BMA D . 4.80 -4.11 -34.50
C4 BMA D . 5.36 -3.07 -35.46
C5 BMA D . 4.64 -1.72 -35.25
C6 BMA D . 5.15 -0.62 -36.17
O2 BMA D . 3.03 -4.85 -35.89
O3 BMA D . 5.44 -5.36 -34.71
O4 BMA D . 6.75 -2.89 -35.25
O5 BMA D . 3.24 -1.93 -35.49
O6 BMA D . 4.89 -1.01 -37.53
C1 MAN D . 5.27 -0.03 -38.42
C2 MAN D . 4.60 -0.43 -39.74
C3 MAN D . 5.43 -1.49 -40.44
C4 MAN D . 6.90 -1.04 -40.58
C5 MAN D . 7.46 -0.66 -39.20
C6 MAN D . 8.86 -0.07 -39.29
O2 MAN D . 4.53 0.67 -40.65
O3 MAN D . 4.88 -1.83 -41.71
O4 MAN D . 7.68 -2.09 -41.13
O5 MAN D . 6.62 0.34 -38.59
O6 MAN D . 9.75 -1.05 -39.81
C1 MAN D . 4.00 -2.88 -41.77
C2 MAN D . 3.88 -3.58 -43.11
C3 MAN D . 3.28 -2.62 -44.13
C4 MAN D . 1.94 -2.05 -43.61
C5 MAN D . 2.13 -1.42 -42.21
C6 MAN D . 0.81 -1.01 -41.56
O2 MAN D . 3.01 -4.71 -43.07
O3 MAN D . 3.10 -3.24 -45.40
O4 MAN D . 1.47 -1.05 -44.51
O5 MAN D . 2.75 -2.39 -41.33
O6 MAN D . 1.10 -0.43 -40.30
C1 MAN D . 10.77 -0.20 -40.15
C2 MAN D . 11.57 -1.25 -40.96
C3 MAN D . 12.47 -2.09 -40.04
C4 MAN D . 13.25 -1.20 -39.07
C5 MAN D . 12.31 -0.27 -38.32
C6 MAN D . 13.05 0.69 -37.40
O2 MAN D . 12.46 -0.62 -41.89
O3 MAN D . 13.35 -2.91 -40.78
O4 MAN D . 13.95 -2.03 -38.15
O5 MAN D . 11.58 0.52 -39.26
O6 MAN D . 13.55 -0.07 -36.29
C1 MAN D . 6.62 -5.81 -34.18
C2 MAN D . 7.27 -7.05 -34.82
C3 MAN D . 6.63 -8.32 -34.25
C4 MAN D . 6.59 -8.29 -32.71
C5 MAN D . 5.89 -7.01 -32.24
C6 MAN D . 5.87 -6.87 -30.72
O2 MAN D . 8.65 -7.15 -34.49
O3 MAN D . 7.29 -9.49 -34.71
O4 MAN D . 5.90 -9.42 -32.22
O5 MAN D . 6.58 -5.86 -32.78
O6 MAN D . 4.98 -7.84 -30.18
#